data_6TM1
#
_entry.id   6TM1
#
_cell.length_a   110.079
_cell.length_b   128.455
_cell.length_c   215.102
_cell.angle_alpha   90.000
_cell.angle_beta   90.000
_cell.angle_gamma   90.000
#
_symmetry.space_group_name_H-M   'I 2 2 2'
#
loop_
_entity.id
_entity.type
_entity.pdbx_description
1 polymer 'Dedicator of cytokinesis protein 10'
2 polymer 'Ras-related C3 botulinum toxin substrate 3'
3 polymer 'Dedicator of cytokinesis protein 10'
#
loop_
_entity_poly.entity_id
_entity_poly.type
_entity_poly.pdbx_seq_one_letter_code
_entity_poly.pdbx_strand_id
1 'polypeptide(L)'
;STPELRRTWLESMAKIHARNGDLSEAAMCYIHIAALIAEYLKRKGYWKVEKICTASLLSEDTHPCDSNSLLTTPSGGSMF
SMGWPAFLSITPNIKEEGAMKEDSGMQDTPYNENILVEQLYMCVEFLWKSERYELIADVNKPIIAVFEKQRDFKKLSDLY
YDIHRSYLKVAEVVNSEKRLFGRYYRVAFYGQGFFEEEEGKEYIYKEPKLTGLSEISQRLLKLYADKFGADNVKIIQDSN
KVNPKDLDPKYAYIQVTYVTPFFEEKEIEDRKTDFEMHHNINRFVFETPFTLSGKKHGGVAEQCKRRTILTTSHLFPYVK
KRIQVISQSSTELNPIEVAIDEMSKKVSELNQLCTMEEVDMIRLQLKLQGSVSVKVNAGPMAYARAFLEETNAKKYPDNQ
VKLLKEIFRQFADACGQALDVNERLIKEDQLEYQEELRSHYKDMLSELSTVMNEQIT
;
B
2 'polypeptide(L)'
;MQAIKCVVVGDGAVGKTCLLISYTTNAFPGEYIPTVFDNYSANVMVDGKPVNLGLWDTAGQEDYDRLRPLSYPQTDVFLI
CFSLVSPASFENVRAKWYPEVRHHCPHTPILLVGTKLDLRDDKDTIERLRDKKLAPITYPQGLAMAREIGSVKYLECSAL
TQRGLKTVFDEAIRAVLCPPPVKKPGKKCTVF
;
A
3 'polypeptide(L)'
;STPELRRTWLESMAKIHARNGDLSEAAMCYIHIAALIAEYLKRKGYWKVEKICTASLLSEDTHPCDSNSLLTTPSGGSMF
SMGWPAFLSITPNIKEEGAMKEDSGMQDTPYNENILVEQLYMCVEFLWKSERYELIADVNKPIIAVFEKQRDFKKLSDLY
YDIHRSYLKVAEVVNSEKRLFGRYYRVAFYGQGFFEEEEGKEYIYKEPKLTGLSEISQRLLKLYADKFGADNVKIIQDSN
KVNPKDLDPKYAYIQVTYVTPFFEEKEIEDRKTDFEMHHNINRFVFETPFTLSGKKHGGVAEQCKRRTILTTSHLFPYVK
KRIQVISQSSTELNPIEVAIDEMSKKVSELNQLCTMEEVDMIRLQLKLQGSVSVKVNAGPMAYARAFLEETNAKKYPDNQ
VKLLKEIFRQFADACGQALDVNERLIKEDQLEYQEELRSHYKDMLSELSTVMNEQITG
;
C
#
# COMPACT_ATOMS: atom_id res chain seq x y z
N SER A 1 -44.54 7.78 -2.43
CA SER A 1 -44.34 7.18 -3.74
C SER A 1 -45.07 5.85 -3.81
N THR A 2 -46.04 5.67 -2.90
CA THR A 2 -46.91 4.51 -2.74
C THR A 2 -46.11 3.22 -2.52
N PRO A 3 -46.72 2.18 -1.95
CA PRO A 3 -46.00 0.90 -1.83
C PRO A 3 -45.71 0.27 -3.18
N GLU A 4 -46.70 0.29 -4.07
CA GLU A 4 -46.59 -0.46 -5.33
C GLU A 4 -45.60 0.18 -6.29
N LEU A 5 -45.41 1.50 -6.21
CA LEU A 5 -44.58 2.23 -7.16
C LEU A 5 -43.17 2.48 -6.67
N ARG A 6 -43.01 2.87 -5.39
CA ARG A 6 -41.67 3.12 -4.85
C ARG A 6 -40.81 1.87 -4.86
N ARG A 7 -41.42 0.69 -4.97
CA ARG A 7 -40.62 -0.54 -5.07
C ARG A 7 -40.06 -0.71 -6.48
N THR A 8 -40.90 -0.55 -7.50
CA THR A 8 -40.46 -0.73 -8.88
C THR A 8 -39.33 0.23 -9.24
N TRP A 9 -39.26 1.38 -8.58
CA TRP A 9 -38.16 2.31 -8.81
C TRP A 9 -36.81 1.67 -8.46
N LEU A 10 -36.72 1.04 -7.28
CA LEU A 10 -35.44 0.52 -6.83
C LEU A 10 -34.93 -0.60 -7.72
N GLU A 11 -35.82 -1.51 -8.14
CA GLU A 11 -35.43 -2.66 -8.95
C GLU A 11 -34.72 -2.27 -10.23
N SER A 12 -35.45 -1.64 -11.17
CA SER A 12 -34.82 -1.22 -12.42
C SER A 12 -33.68 -0.25 -12.18
N MET A 13 -33.65 0.42 -11.02
CA MET A 13 -32.49 1.22 -10.69
C MET A 13 -31.31 0.35 -10.29
N ALA A 14 -31.58 -0.83 -9.73
CA ALA A 14 -30.50 -1.75 -9.38
C ALA A 14 -29.89 -2.37 -10.63
N LYS A 15 -30.72 -3.02 -11.46
CA LYS A 15 -30.21 -3.59 -12.70
C LYS A 15 -29.59 -2.54 -13.61
N ILE A 16 -30.04 -1.29 -13.51
CA ILE A 16 -29.41 -0.22 -14.28
C ILE A 16 -28.07 0.16 -13.65
N HIS A 17 -28.08 0.41 -12.34
CA HIS A 17 -26.82 0.62 -11.63
C HIS A 17 -25.90 -0.58 -11.81
N ALA A 18 -26.46 -1.79 -11.75
CA ALA A 18 -25.68 -2.99 -12.01
C ALA A 18 -25.04 -2.94 -13.40
N ARG A 19 -25.80 -2.49 -14.38
CA ARG A 19 -25.37 -2.59 -15.78
C ARG A 19 -24.11 -1.80 -16.06
N ASN A 20 -23.92 -0.66 -15.41
CA ASN A 20 -22.88 0.29 -15.80
C ASN A 20 -21.92 0.62 -14.64
N GLY A 21 -21.54 -0.38 -13.86
CA GLY A 21 -20.49 -0.21 -12.89
C GLY A 21 -20.81 0.67 -11.70
N ASP A 22 -22.09 0.94 -11.45
CA ASP A 22 -22.50 1.65 -10.24
C ASP A 22 -22.84 0.64 -9.15
N LEU A 23 -21.85 -0.19 -8.82
CA LEU A 23 -22.03 -1.36 -7.97
C LEU A 23 -22.54 -1.00 -6.58
N SER A 24 -21.67 -0.39 -5.77
CA SER A 24 -21.94 -0.01 -4.39
C SER A 24 -23.33 0.56 -4.23
N GLU A 25 -23.75 1.36 -5.21
CA GLU A 25 -25.06 2.00 -5.16
C GLU A 25 -26.16 1.00 -5.52
N ALA A 26 -25.92 0.12 -6.49
CA ALA A 26 -26.87 -0.95 -6.78
C ALA A 26 -27.00 -1.88 -5.57
N ALA A 27 -25.87 -2.22 -4.97
CA ALA A 27 -25.88 -2.95 -3.71
C ALA A 27 -26.74 -2.24 -2.69
N MET A 28 -26.37 -0.98 -2.38
CA MET A 28 -27.19 -0.16 -1.51
C MET A 28 -28.65 -0.12 -1.95
N CYS A 29 -28.91 -0.22 -3.25
CA CYS A 29 -30.27 -0.20 -3.76
C CYS A 29 -31.09 -1.36 -3.20
N TYR A 30 -30.49 -2.55 -3.12
CA TYR A 30 -31.27 -3.73 -2.72
C TYR A 30 -31.54 -3.74 -1.22
N ILE A 31 -30.54 -3.45 -0.39
CA ILE A 31 -30.76 -3.38 1.05
C ILE A 31 -31.61 -2.19 1.42
N HIS A 32 -31.66 -1.16 0.58
CA HIS A 32 -32.59 -0.07 0.83
C HIS A 32 -33.98 -0.40 0.32
N ILE A 33 -34.09 -1.21 -0.74
CA ILE A 33 -35.40 -1.69 -1.18
C ILE A 33 -35.95 -2.71 -0.20
N ALA A 34 -35.10 -3.57 0.33
CA ALA A 34 -35.55 -4.63 1.23
C ALA A 34 -36.06 -4.09 2.56
N ALA A 35 -35.64 -2.89 2.97
CA ALA A 35 -36.22 -2.29 4.17
C ALA A 35 -37.63 -1.80 3.89
N LEU A 36 -37.86 -1.28 2.68
CA LEU A 36 -39.17 -0.75 2.30
C LEU A 36 -40.27 -1.78 2.49
N ILE A 37 -40.03 -3.02 2.06
CA ILE A 37 -41.01 -4.08 2.25
C ILE A 37 -41.05 -4.56 3.70
N ALA A 38 -40.01 -4.28 4.50
CA ALA A 38 -40.03 -4.71 5.89
C ALA A 38 -41.13 -3.99 6.68
N GLU A 39 -41.38 -2.72 6.37
CA GLU A 39 -42.43 -2.01 7.09
C GLU A 39 -43.81 -2.27 6.50
N TYR A 40 -43.90 -2.34 5.17
CA TYR A 40 -45.18 -2.65 4.53
C TYR A 40 -45.73 -3.97 5.04
N LEU A 41 -44.86 -4.96 5.21
CA LEU A 41 -45.28 -6.21 5.85
C LEU A 41 -45.46 -6.03 7.36
N LYS A 42 -44.80 -5.04 7.96
CA LYS A 42 -45.11 -4.71 9.35
C LYS A 42 -46.42 -3.95 9.44
N ARG A 43 -46.76 -3.17 8.42
CA ARG A 43 -47.97 -2.36 8.39
C ARG A 43 -49.23 -3.20 8.19
N LYS A 44 -49.11 -4.44 7.74
CA LYS A 44 -50.22 -5.38 7.73
C LYS A 44 -50.17 -6.34 8.90
N GLY A 45 -49.19 -6.19 9.78
CA GLY A 45 -49.03 -7.06 10.94
C GLY A 45 -48.99 -8.53 10.58
N TYR A 46 -48.05 -8.92 9.72
CA TYR A 46 -47.91 -10.32 9.32
C TYR A 46 -47.24 -11.17 10.38
N TRP A 47 -46.41 -10.58 11.23
CA TRP A 47 -45.74 -11.33 12.29
C TRP A 47 -46.60 -11.41 13.54
N MET A 79 -32.12 -7.39 14.75
CA MET A 79 -33.54 -7.22 15.06
C MET A 79 -34.37 -7.95 14.01
N PHE A 80 -35.09 -8.98 14.46
CA PHE A 80 -35.80 -9.89 13.57
C PHE A 80 -36.82 -9.17 12.71
N SER A 81 -38.01 -8.94 13.26
CA SER A 81 -39.17 -8.48 12.50
C SER A 81 -39.67 -7.16 13.09
N MET A 82 -38.84 -6.11 12.97
CA MET A 82 -39.09 -4.87 13.71
C MET A 82 -39.27 -3.69 12.77
N GLY A 83 -40.18 -3.80 11.81
CA GLY A 83 -40.37 -2.63 10.96
C GLY A 83 -39.14 -2.35 10.07
N TRP A 84 -39.04 -1.10 9.62
CA TRP A 84 -37.91 -0.72 8.77
C TRP A 84 -36.66 -0.18 9.47
N PRO A 85 -36.64 0.09 10.78
CA PRO A 85 -35.38 0.56 11.38
C PRO A 85 -34.29 -0.48 11.54
N ALA A 86 -34.60 -1.78 11.41
CA ALA A 86 -33.54 -2.78 11.55
C ALA A 86 -32.49 -2.64 10.46
N PHE A 87 -32.82 -1.99 9.35
CA PHE A 87 -31.87 -1.68 8.29
C PHE A 87 -31.24 -0.30 8.44
N LEU A 88 -31.64 0.47 9.46
CA LEU A 88 -30.91 1.67 9.83
C LEU A 88 -29.55 1.34 10.44
N SER A 89 -29.30 0.08 10.76
CA SER A 89 -27.97 -0.31 11.25
C SER A 89 -26.92 -0.16 10.16
N ILE A 90 -27.23 -0.60 8.94
CA ILE A 90 -26.25 -0.53 7.86
C ILE A 90 -26.15 0.88 7.29
N THR A 91 -27.25 1.64 7.30
CA THR A 91 -27.22 2.98 6.75
C THR A 91 -28.37 3.78 7.31
N PRO A 92 -28.17 5.06 7.62
CA PRO A 92 -29.28 5.86 8.16
C PRO A 92 -30.35 6.19 7.13
N ASN A 93 -30.00 6.25 5.85
CA ASN A 93 -30.99 6.58 4.83
C ASN A 93 -31.97 5.45 4.56
N ILE A 94 -31.82 4.31 5.23
CA ILE A 94 -32.85 3.27 5.16
C ILE A 94 -34.17 3.80 5.68
N LYS A 95 -34.13 4.81 6.54
CA LYS A 95 -35.36 5.44 7.02
C LYS A 95 -36.13 6.08 5.87
N GLU A 96 -35.42 6.54 4.84
CA GLU A 96 -36.03 7.35 3.78
C GLU A 96 -37.07 6.60 2.96
N GLU A 97 -37.22 5.29 3.15
CA GLU A 97 -38.12 4.46 2.36
C GLU A 97 -39.51 4.31 2.95
N GLY A 98 -39.74 4.78 4.17
CA GLY A 98 -41.04 4.67 4.82
C GLY A 98 -41.74 6.01 4.84
N ALA A 99 -42.97 6.02 4.34
CA ALA A 99 -43.76 7.25 4.30
C ALA A 99 -45.25 6.96 4.17
N TYR A 111 -45.76 -9.72 -1.67
CA TYR A 111 -44.73 -9.39 -0.69
C TYR A 111 -44.85 -10.30 0.53
N ASN A 112 -43.75 -10.94 0.92
CA ASN A 112 -43.80 -11.96 1.94
C ASN A 112 -42.42 -12.13 2.56
N GLU A 113 -42.24 -13.23 3.29
CA GLU A 113 -41.01 -13.45 4.03
C GLU A 113 -39.86 -13.86 3.09
N ASN A 114 -40.07 -14.89 2.29
CA ASN A 114 -39.00 -15.35 1.39
C ASN A 114 -38.61 -14.28 0.38
N ILE A 115 -39.47 -13.27 0.17
CA ILE A 115 -39.07 -12.13 -0.64
C ILE A 115 -38.11 -11.24 0.14
N LEU A 116 -38.34 -11.11 1.45
CA LEU A 116 -37.42 -10.32 2.28
C LEU A 116 -36.04 -10.93 2.33
N VAL A 117 -35.94 -12.25 2.22
CA VAL A 117 -34.63 -12.90 2.29
C VAL A 117 -33.98 -13.07 0.92
N GLU A 118 -34.77 -13.09 -0.16
CA GLU A 118 -34.20 -13.12 -1.49
C GLU A 118 -33.58 -11.78 -1.87
N GLN A 119 -33.99 -10.70 -1.21
CA GLN A 119 -33.51 -9.37 -1.51
C GLN A 119 -32.18 -9.08 -0.80
N LEU A 120 -32.03 -9.55 0.44
CA LEU A 120 -30.73 -9.45 1.10
C LEU A 120 -29.71 -10.39 0.46
N TYR A 121 -30.16 -11.60 0.09
CA TYR A 121 -29.29 -12.53 -0.62
C TYR A 121 -28.77 -11.91 -1.91
N MET A 122 -29.62 -11.23 -2.65
CA MET A 122 -29.18 -10.52 -3.84
C MET A 122 -28.32 -9.31 -3.46
N CYS A 123 -28.60 -8.69 -2.32
CA CYS A 123 -27.80 -7.57 -1.88
C CYS A 123 -26.37 -8.00 -1.54
N VAL A 124 -26.24 -9.03 -0.70
CA VAL A 124 -24.92 -9.37 -0.14
C VAL A 124 -23.92 -9.65 -1.25
N GLU A 125 -24.36 -10.29 -2.34
CA GLU A 125 -23.43 -10.52 -3.44
C GLU A 125 -23.00 -9.21 -4.08
N PHE A 126 -23.93 -8.27 -4.23
CA PHE A 126 -23.61 -6.97 -4.79
C PHE A 126 -22.58 -6.22 -3.96
N LEU A 127 -22.57 -6.46 -2.65
CA LEU A 127 -21.50 -5.91 -1.82
C LEU A 127 -20.20 -6.67 -2.06
N TRP A 128 -20.29 -7.96 -2.34
CA TRP A 128 -19.09 -8.78 -2.55
C TRP A 128 -18.33 -8.36 -3.79
N LYS A 129 -19.03 -7.88 -4.81
CA LYS A 129 -18.36 -7.32 -5.98
C LYS A 129 -17.97 -5.87 -5.78
N SER A 130 -18.72 -5.13 -4.95
CA SER A 130 -18.47 -3.71 -4.71
C SER A 130 -17.35 -3.46 -3.70
N GLU A 131 -16.50 -4.47 -3.46
CA GLU A 131 -15.30 -4.31 -2.62
C GLU A 131 -15.61 -3.67 -1.27
N ARG A 132 -16.83 -3.91 -0.77
CA ARG A 132 -17.26 -3.39 0.53
C ARG A 132 -17.56 -4.55 1.47
N TYR A 133 -16.56 -5.38 1.74
CA TYR A 133 -16.81 -6.69 2.33
C TYR A 133 -17.43 -6.60 3.72
N GLU A 134 -17.50 -5.40 4.29
CA GLU A 134 -17.70 -5.31 5.73
C GLU A 134 -19.18 -5.38 6.09
N LEU A 135 -19.99 -4.53 5.48
CA LEU A 135 -21.39 -4.47 5.85
C LEU A 135 -22.16 -5.76 5.59
N ILE A 136 -21.52 -6.81 5.07
CA ILE A 136 -22.27 -8.04 4.80
C ILE A 136 -22.63 -8.72 6.10
N ALA A 137 -21.93 -8.38 7.19
CA ALA A 137 -22.23 -8.98 8.49
C ALA A 137 -23.49 -8.37 9.08
N ASP A 138 -23.63 -7.05 8.96
CA ASP A 138 -24.79 -6.36 9.51
C ASP A 138 -26.08 -6.64 8.77
N VAL A 139 -26.03 -7.35 7.63
CA VAL A 139 -27.23 -7.67 6.87
C VAL A 139 -27.62 -9.13 6.96
N ASN A 140 -26.69 -10.04 7.28
CA ASN A 140 -27.08 -11.42 7.47
C ASN A 140 -27.72 -11.65 8.83
N LYS A 141 -27.77 -10.64 9.69
CA LYS A 141 -28.43 -10.78 10.99
C LYS A 141 -29.91 -11.12 10.83
N PRO A 142 -30.74 -10.30 10.15
CA PRO A 142 -32.16 -10.67 10.07
C PRO A 142 -32.41 -11.93 9.26
N ILE A 143 -31.49 -12.32 8.39
CA ILE A 143 -31.57 -13.62 7.74
C ILE A 143 -31.48 -14.72 8.79
N ILE A 144 -30.38 -14.73 9.55
CA ILE A 144 -30.20 -15.67 10.65
C ILE A 144 -31.37 -15.59 11.63
N ALA A 145 -31.87 -14.38 11.88
CA ALA A 145 -32.95 -14.16 12.82
C ALA A 145 -34.26 -14.80 12.38
N VAL A 146 -34.36 -15.24 11.12
CA VAL A 146 -35.51 -15.99 10.64
C VAL A 146 -35.19 -17.47 10.47
N PHE A 147 -33.96 -17.80 10.05
CA PHE A 147 -33.56 -19.21 9.98
C PHE A 147 -33.55 -19.84 11.36
N GLU A 148 -33.03 -19.12 12.36
CA GLU A 148 -33.15 -19.58 13.73
C GLU A 148 -34.61 -19.70 14.16
N LYS A 149 -35.54 -19.05 13.46
CA LYS A 149 -36.96 -19.19 13.78
C LYS A 149 -37.59 -20.39 13.08
N GLN A 150 -37.06 -20.77 11.92
CA GLN A 150 -37.54 -21.96 11.22
C GLN A 150 -36.58 -23.13 11.33
N ARG A 151 -35.40 -22.92 11.93
CA ARG A 151 -34.50 -23.98 12.37
C ARG A 151 -34.04 -24.85 11.19
N ASP A 152 -32.96 -24.44 10.53
CA ASP A 152 -32.46 -25.15 9.35
C ASP A 152 -31.03 -25.64 9.47
N PHE A 153 -30.15 -24.85 10.08
CA PHE A 153 -28.83 -25.31 10.53
C PHE A 153 -27.83 -25.41 9.39
N LYS A 154 -28.04 -26.31 8.41
CA LYS A 154 -27.12 -26.35 7.27
C LYS A 154 -27.01 -24.99 6.60
N LYS A 155 -28.15 -24.35 6.32
CA LYS A 155 -28.10 -23.02 5.72
C LYS A 155 -27.51 -22.00 6.68
N LEU A 156 -27.91 -22.06 7.96
CA LEU A 156 -27.24 -21.22 8.96
C LEU A 156 -25.75 -21.54 9.04
N SER A 157 -25.37 -22.79 8.79
CA SER A 157 -23.95 -23.13 8.74
C SER A 157 -23.27 -22.40 7.59
N ASP A 158 -23.66 -22.69 6.35
CA ASP A 158 -23.00 -21.99 5.26
C ASP A 158 -23.43 -20.53 5.14
N LEU A 159 -24.39 -20.06 5.95
CA LEU A 159 -24.55 -18.63 6.14
C LEU A 159 -23.44 -18.06 7.01
N TYR A 160 -23.08 -18.76 8.08
CA TYR A 160 -21.99 -18.24 8.91
C TYR A 160 -20.64 -18.47 8.26
N TYR A 161 -20.56 -19.35 7.26
CA TYR A 161 -19.28 -19.55 6.58
C TYR A 161 -18.95 -18.39 5.67
N ASP A 162 -19.92 -17.92 4.88
CA ASP A 162 -19.61 -16.86 3.93
C ASP A 162 -19.34 -15.53 4.63
N ILE A 163 -19.76 -15.38 5.89
CA ILE A 163 -19.30 -14.25 6.69
C ILE A 163 -17.84 -14.41 7.07
N HIS A 164 -17.40 -15.63 7.34
CA HIS A 164 -15.96 -15.85 7.56
C HIS A 164 -15.19 -15.67 6.27
N ARG A 165 -15.71 -16.22 5.16
CA ARG A 165 -15.06 -16.05 3.86
C ARG A 165 -14.96 -14.59 3.42
N SER A 166 -15.60 -13.66 4.12
CA SER A 166 -15.49 -12.24 3.84
C SER A 166 -14.42 -11.58 4.71
N TYR A 167 -14.52 -11.78 6.02
CA TYR A 167 -13.55 -11.17 6.93
C TYR A 167 -12.13 -11.61 6.60
N LEU A 168 -11.97 -12.83 6.09
CA LEU A 168 -10.64 -13.29 5.70
C LEU A 168 -10.11 -12.48 4.52
N LYS A 169 -10.93 -12.32 3.48
CA LYS A 169 -10.52 -11.50 2.34
C LYS A 169 -10.31 -10.05 2.72
N VAL A 170 -10.87 -9.62 3.86
CA VAL A 170 -10.68 -8.24 4.31
C VAL A 170 -9.25 -8.05 4.81
N ALA A 171 -8.73 -9.02 5.55
CA ALA A 171 -7.43 -8.88 6.20
C ALA A 171 -6.29 -8.69 5.20
N GLU A 172 -6.48 -9.09 3.94
CA GLU A 172 -5.50 -8.82 2.89
C GLU A 172 -5.92 -7.71 1.96
N VAL A 173 -7.09 -7.11 2.20
CA VAL A 173 -7.55 -5.95 1.44
C VAL A 173 -7.43 -4.68 2.25
N VAL A 174 -7.93 -4.70 3.49
CA VAL A 174 -8.06 -3.47 4.27
C VAL A 174 -6.68 -2.96 4.67
N ASN A 175 -6.45 -1.67 4.42
CA ASN A 175 -5.20 -0.95 4.67
C ASN A 175 -4.07 -1.39 3.75
N SER A 176 -4.40 -2.08 2.67
CA SER A 176 -3.46 -2.30 1.58
C SER A 176 -3.70 -1.35 0.42
N GLU A 177 -4.65 -0.42 0.58
CA GLU A 177 -5.02 0.53 -0.47
C GLU A 177 -5.37 -0.18 -1.77
N LYS A 178 -5.73 -1.46 -1.68
CA LYS A 178 -6.23 -2.15 -2.86
C LYS A 178 -7.66 -1.71 -3.15
N ARG A 179 -8.51 -1.69 -2.13
CA ARG A 179 -9.85 -1.16 -2.30
C ARG A 179 -9.79 0.34 -2.57
N LEU A 180 -10.66 0.81 -3.45
CA LEU A 180 -10.73 2.23 -3.77
C LEU A 180 -12.08 2.51 -4.43
N PHE A 181 -12.80 3.51 -3.94
CA PHE A 181 -13.96 4.03 -4.65
C PHE A 181 -13.73 5.51 -4.92
N GLY A 182 -13.79 6.34 -3.88
CA GLY A 182 -13.15 7.65 -3.85
C GLY A 182 -13.53 8.68 -4.89
N ARG A 183 -12.91 9.85 -4.76
CA ARG A 183 -13.05 10.99 -5.68
C ARG A 183 -14.51 11.39 -5.88
N TYR A 184 -15.13 11.78 -4.76
CA TYR A 184 -16.39 12.49 -4.80
C TYR A 184 -16.15 13.93 -5.23
N TYR A 185 -17.02 14.46 -6.08
CA TYR A 185 -16.87 15.80 -6.61
C TYR A 185 -18.03 16.69 -6.20
N ARG A 186 -17.79 17.99 -6.26
CA ARG A 186 -18.76 19.01 -5.88
C ARG A 186 -19.09 19.81 -7.13
N VAL A 187 -20.28 19.58 -7.68
CA VAL A 187 -20.73 20.25 -8.89
C VAL A 187 -21.92 21.11 -8.53
N ALA A 188 -22.08 22.21 -9.26
CA ALA A 188 -23.24 23.07 -9.10
C ALA A 188 -23.62 23.61 -10.46
N PHE A 189 -24.90 23.52 -10.79
CA PHE A 189 -25.42 24.16 -11.97
C PHE A 189 -25.91 25.55 -11.58
N TYR A 190 -25.76 26.49 -12.51
CA TYR A 190 -26.30 27.84 -12.33
C TYR A 190 -26.85 28.31 -13.65
N GLY A 191 -28.13 28.72 -13.66
CA GLY A 191 -28.74 29.22 -14.87
C GLY A 191 -30.25 29.08 -14.91
N GLN A 192 -30.95 30.22 -14.91
CA GLN A 192 -32.40 30.25 -15.05
C GLN A 192 -32.77 30.48 -16.51
N GLY A 193 -33.78 29.75 -16.98
CA GLY A 193 -34.05 29.71 -18.41
C GLY A 193 -33.04 28.86 -19.14
N PHE A 194 -32.71 27.68 -18.59
CA PHE A 194 -31.70 26.79 -19.13
C PHE A 194 -31.96 25.38 -18.64
N PHE A 195 -31.66 25.16 -17.38
CA PHE A 195 -31.85 23.87 -16.72
C PHE A 195 -33.25 23.84 -16.12
N GLU A 196 -33.90 22.69 -16.21
CA GLU A 196 -35.26 22.56 -15.69
C GLU A 196 -35.26 22.26 -14.19
N GLU A 197 -35.32 20.97 -13.84
CA GLU A 197 -35.42 20.59 -12.44
C GLU A 197 -34.17 20.98 -11.64
N GLU A 198 -32.99 20.75 -12.20
CA GLU A 198 -31.74 21.11 -11.54
C GLU A 198 -31.21 22.45 -12.05
N GLU A 199 -32.04 23.48 -11.88
CA GLU A 199 -31.74 24.81 -12.40
C GLU A 199 -30.74 25.58 -11.56
N GLY A 200 -30.28 25.03 -10.43
CA GLY A 200 -29.36 25.78 -9.61
C GLY A 200 -28.72 25.04 -8.45
N LYS A 201 -29.33 23.93 -8.02
CA LYS A 201 -28.93 23.28 -6.78
C LYS A 201 -27.46 22.87 -6.84
N GLU A 202 -26.83 22.79 -5.67
CA GLU A 202 -25.44 22.38 -5.55
C GLU A 202 -25.39 20.90 -5.23
N TYR A 203 -24.65 20.14 -6.03
CA TYR A 203 -24.69 18.68 -6.00
C TYR A 203 -23.35 18.09 -5.60
N ILE A 204 -23.37 16.80 -5.29
CA ILE A 204 -22.17 16.05 -4.95
C ILE A 204 -22.19 14.71 -5.69
N TYR A 205 -21.46 14.63 -6.80
CA TYR A 205 -21.33 13.38 -7.53
C TYR A 205 -20.32 12.46 -6.87
N LYS A 206 -20.59 11.16 -6.95
CA LYS A 206 -19.63 10.12 -6.59
C LYS A 206 -19.18 9.48 -7.90
N GLU A 207 -18.09 9.99 -8.46
CA GLU A 207 -17.49 9.33 -9.60
C GLU A 207 -16.66 8.15 -9.11
N PRO A 208 -16.31 7.21 -9.99
CA PRO A 208 -15.71 5.98 -9.51
C PRO A 208 -14.22 5.83 -9.76
N LYS A 209 -13.61 4.82 -9.12
CA LYS A 209 -12.21 4.44 -9.35
C LYS A 209 -11.31 5.68 -9.23
N LEU A 210 -10.52 6.01 -10.24
CA LEU A 210 -9.64 7.17 -10.17
C LEU A 210 -10.00 8.23 -11.21
N THR A 211 -11.28 8.38 -11.50
CA THR A 211 -11.74 9.49 -12.34
C THR A 211 -11.31 10.82 -11.76
N GLY A 212 -10.29 11.43 -12.37
CA GLY A 212 -9.89 12.78 -12.01
C GLY A 212 -10.83 13.79 -12.61
N LEU A 213 -10.54 15.07 -12.35
CA LEU A 213 -11.43 16.11 -12.84
C LEU A 213 -11.33 16.29 -14.35
N SER A 214 -10.14 16.05 -14.93
CA SER A 214 -10.02 16.07 -16.39
C SER A 214 -11.09 15.22 -17.05
N GLU A 215 -11.55 14.18 -16.36
CA GLU A 215 -12.53 13.27 -16.93
C GLU A 215 -13.96 13.79 -16.73
N ILE A 216 -14.32 14.13 -15.49
CA ILE A 216 -15.70 14.51 -15.20
C ILE A 216 -16.01 15.87 -15.81
N SER A 217 -15.04 16.80 -15.78
CA SER A 217 -15.28 18.13 -16.30
C SER A 217 -15.52 18.09 -17.80
N GLN A 218 -14.56 17.53 -18.55
CA GLN A 218 -14.75 17.31 -19.97
C GLN A 218 -16.02 16.53 -20.25
N ARG A 219 -16.46 15.72 -19.29
CA ARG A 219 -17.64 14.89 -19.48
C ARG A 219 -18.93 15.70 -19.33
N LEU A 220 -19.03 16.51 -18.28
CA LEU A 220 -20.20 17.38 -18.12
C LEU A 220 -20.24 18.44 -19.19
N LEU A 221 -19.10 19.11 -19.43
CA LEU A 221 -19.01 20.08 -20.51
C LEU A 221 -19.54 19.47 -21.80
N LYS A 222 -18.96 18.35 -22.22
CA LYS A 222 -19.38 17.71 -23.46
C LYS A 222 -20.85 17.32 -23.44
N LEU A 223 -21.33 16.80 -22.29
CA LEU A 223 -22.72 16.36 -22.25
C LEU A 223 -23.68 17.53 -22.37
N TYR A 224 -23.30 18.71 -21.87
CA TYR A 224 -24.19 19.86 -21.91
C TYR A 224 -23.82 20.90 -22.97
N ALA A 225 -22.59 20.86 -23.50
CA ALA A 225 -22.24 21.79 -24.57
C ALA A 225 -23.02 21.50 -25.84
N ASP A 226 -23.27 20.22 -26.13
CA ASP A 226 -23.96 19.85 -27.36
C ASP A 226 -25.48 19.77 -27.18
N LYS A 227 -26.00 20.13 -26.01
CA LYS A 227 -27.44 20.23 -25.83
C LYS A 227 -27.94 21.66 -25.76
N PHE A 228 -27.03 22.64 -25.74
CA PHE A 228 -27.41 24.05 -25.81
C PHE A 228 -26.43 24.84 -26.66
N GLY A 229 -25.83 24.19 -27.66
CA GLY A 229 -24.91 24.86 -28.57
C GLY A 229 -23.51 24.98 -28.01
N ALA A 230 -22.51 24.89 -28.88
CA ALA A 230 -21.12 24.99 -28.45
C ALA A 230 -20.84 26.41 -27.95
N ASP A 231 -19.57 26.67 -27.64
CA ASP A 231 -19.12 27.98 -27.17
C ASP A 231 -19.79 28.36 -25.85
N ASN A 232 -21.13 28.35 -25.83
CA ASN A 232 -21.91 28.78 -24.66
C ASN A 232 -22.10 27.62 -23.68
N VAL A 233 -20.98 27.20 -23.09
CA VAL A 233 -20.99 26.18 -22.04
C VAL A 233 -19.72 26.37 -21.22
N LYS A 234 -19.78 27.26 -20.23
CA LYS A 234 -18.60 27.72 -19.52
C LYS A 234 -18.30 26.80 -18.35
N ILE A 235 -17.04 26.35 -18.26
CA ILE A 235 -16.62 25.46 -17.18
C ILE A 235 -16.82 26.13 -15.83
N ILE A 236 -16.63 27.45 -15.78
CA ILE A 236 -16.86 28.24 -14.57
C ILE A 236 -16.03 27.72 -13.41
N GLN A 237 -14.83 27.20 -13.72
CA GLN A 237 -13.93 26.78 -12.65
C GLN A 237 -13.72 27.94 -11.70
N ASP A 238 -14.21 27.77 -10.47
CA ASP A 238 -14.27 28.90 -9.56
C ASP A 238 -13.76 28.55 -8.18
N SER A 239 -14.31 27.47 -7.60
CA SER A 239 -14.05 27.04 -6.23
C SER A 239 -14.65 28.00 -5.21
N ASN A 240 -14.68 29.30 -5.51
CA ASN A 240 -15.34 30.23 -4.61
C ASN A 240 -16.85 30.03 -4.67
N LYS A 241 -17.48 30.15 -3.51
CA LYS A 241 -18.93 30.07 -3.39
C LYS A 241 -19.63 31.05 -4.31
N VAL A 242 -19.60 30.79 -5.62
CA VAL A 242 -20.17 31.74 -6.57
C VAL A 242 -21.69 31.77 -6.42
N ASN A 243 -22.24 32.93 -6.65
CA ASN A 243 -23.65 33.29 -6.58
C ASN A 243 -23.89 34.67 -7.20
N PRO A 244 -22.89 35.63 -7.23
CA PRO A 244 -23.18 36.95 -7.82
C PRO A 244 -23.87 36.90 -9.17
N LYS A 245 -23.69 35.81 -9.92
CA LYS A 245 -24.31 35.63 -11.24
C LYS A 245 -24.03 36.81 -12.15
N ASP A 246 -22.77 37.28 -12.13
CA ASP A 246 -22.30 38.29 -13.09
C ASP A 246 -21.80 37.58 -14.34
N LEU A 247 -22.70 36.85 -14.97
CA LEU A 247 -22.36 35.87 -15.98
C LEU A 247 -22.85 36.24 -17.37
N ASP A 248 -23.47 37.43 -17.53
CA ASP A 248 -24.07 37.84 -18.79
C ASP A 248 -24.98 36.71 -19.25
N PRO A 249 -26.22 36.64 -18.75
CA PRO A 249 -26.98 35.37 -18.74
C PRO A 249 -27.13 34.66 -20.09
N LYS A 250 -26.39 35.09 -21.12
CA LYS A 250 -26.37 34.40 -22.39
C LYS A 250 -25.50 33.15 -22.39
N TYR A 251 -24.78 32.89 -21.29
CA TYR A 251 -23.91 31.73 -21.16
C TYR A 251 -24.25 30.98 -19.88
N ALA A 252 -24.12 29.66 -19.92
CA ALA A 252 -24.49 28.78 -18.82
C ALA A 252 -23.26 28.21 -18.13
N TYR A 253 -23.26 28.22 -16.80
CA TYR A 253 -22.11 27.87 -15.98
C TYR A 253 -22.34 26.56 -15.24
N ILE A 254 -21.23 25.94 -14.83
CA ILE A 254 -21.23 24.64 -14.17
C ILE A 254 -20.04 24.53 -13.23
N GLN A 255 -20.17 25.08 -12.02
CA GLN A 255 -19.08 25.04 -11.05
C GLN A 255 -18.71 23.60 -10.73
N VAL A 256 -17.41 23.33 -10.69
CA VAL A 256 -16.88 22.03 -10.27
C VAL A 256 -15.63 22.26 -9.42
N THR A 257 -15.48 21.41 -8.39
CA THR A 257 -14.44 21.57 -7.39
C THR A 257 -14.28 20.31 -6.54
N TYR A 258 -13.15 19.62 -6.69
CA TYR A 258 -12.88 18.38 -5.97
C TYR A 258 -13.08 18.60 -4.48
N VAL A 259 -13.46 17.53 -3.78
CA VAL A 259 -13.77 17.60 -2.37
C VAL A 259 -13.37 16.28 -1.71
N THR A 260 -13.28 16.29 -0.38
CA THR A 260 -12.74 15.17 0.37
C THR A 260 -13.63 14.90 1.57
N PRO A 261 -14.00 13.64 1.84
CA PRO A 261 -14.69 13.32 3.09
C PRO A 261 -14.04 13.94 4.32
N PHE A 262 -14.70 14.91 4.94
CA PHE A 262 -14.13 15.71 6.02
C PHE A 262 -14.66 15.28 7.37
N PHE A 263 -13.76 15.10 8.32
CA PHE A 263 -14.11 14.74 9.69
C PHE A 263 -13.29 15.59 10.64
N GLU A 264 -13.55 15.43 11.93
CA GLU A 264 -12.93 16.24 12.97
C GLU A 264 -11.79 15.47 13.64
N GLU A 265 -11.44 15.84 14.88
CA GLU A 265 -10.34 15.19 15.58
C GLU A 265 -10.79 13.92 16.27
N LYS A 266 -12.00 13.93 16.84
CA LYS A 266 -12.51 12.75 17.55
C LYS A 266 -12.99 11.68 16.60
N GLU A 267 -13.48 12.07 15.42
CA GLU A 267 -13.89 11.07 14.44
C GLU A 267 -12.70 10.39 13.77
N ILE A 268 -11.54 11.07 13.73
CA ILE A 268 -10.40 10.52 13.00
C ILE A 268 -9.82 9.30 13.71
N GLU A 269 -10.06 9.16 15.01
CA GLU A 269 -9.70 7.92 15.69
C GLU A 269 -10.63 6.78 15.28
N ASP A 270 -11.88 7.11 14.95
CA ASP A 270 -12.85 6.11 14.56
C ASP A 270 -12.67 5.66 13.11
N ARG A 271 -12.31 6.59 12.22
CA ARG A 271 -12.21 6.30 10.79
C ARG A 271 -10.75 6.02 10.43
N LYS A 272 -10.29 4.84 10.86
CA LYS A 272 -8.87 4.53 10.75
C LYS A 272 -8.50 4.02 9.35
N THR A 273 -9.23 3.04 8.84
CA THR A 273 -8.84 2.39 7.61
C THR A 273 -9.48 3.06 6.40
N ASP A 274 -9.24 2.49 5.21
CA ASP A 274 -9.68 3.12 3.97
C ASP A 274 -11.17 2.96 3.75
N PHE A 275 -11.77 1.87 4.25
CA PHE A 275 -13.20 1.68 4.06
C PHE A 275 -14.01 2.63 4.92
N GLU A 276 -13.64 2.75 6.20
CA GLU A 276 -14.52 3.38 7.18
C GLU A 276 -14.81 4.83 6.84
N MET A 277 -13.90 5.51 6.13
CA MET A 277 -14.12 6.90 5.77
C MET A 277 -15.13 7.07 4.63
N HIS A 278 -15.29 6.07 3.77
CA HIS A 278 -16.28 6.17 2.71
C HIS A 278 -17.66 5.71 3.10
N HIS A 279 -17.77 4.93 4.18
CA HIS A 279 -19.06 4.43 4.64
C HIS A 279 -19.76 5.51 5.43
N ASN A 280 -20.87 6.03 4.89
CA ASN A 280 -21.76 6.96 5.60
C ASN A 280 -21.06 8.27 5.92
N ILE A 281 -21.00 9.18 4.95
CA ILE A 281 -20.27 10.43 5.08
C ILE A 281 -21.25 11.59 5.06
N ASN A 282 -21.29 12.35 6.15
CA ASN A 282 -22.03 13.60 6.19
C ASN A 282 -21.38 14.67 5.33
N ARG A 283 -20.17 15.10 5.70
CA ARG A 283 -19.57 16.32 5.19
C ARG A 283 -18.30 16.02 4.41
N PHE A 284 -18.16 16.68 3.27
CA PHE A 284 -16.92 16.72 2.52
C PHE A 284 -16.39 18.16 2.53
N VAL A 285 -15.07 18.32 2.68
CA VAL A 285 -14.45 19.65 2.72
C VAL A 285 -13.48 19.80 1.57
N PHE A 286 -13.38 21.02 1.05
CA PHE A 286 -12.37 21.37 0.06
C PHE A 286 -11.71 22.68 0.47
N GLU A 287 -10.39 22.68 0.49
CA GLU A 287 -9.62 23.88 0.81
C GLU A 287 -9.55 24.77 -0.42
N THR A 288 -10.12 25.97 -0.33
CA THR A 288 -10.19 26.90 -1.45
C THR A 288 -9.32 28.12 -1.17
N PRO A 289 -8.34 28.44 -2.01
CA PRO A 289 -7.50 29.61 -1.74
C PRO A 289 -8.25 30.91 -1.98
N PHE A 290 -8.13 31.85 -1.04
CA PHE A 290 -8.66 33.20 -1.22
C PHE A 290 -7.57 34.23 -1.02
N THR A 291 -6.37 33.94 -1.54
CA THR A 291 -5.22 34.80 -1.34
C THR A 291 -5.52 36.25 -1.68
N LEU A 292 -4.89 37.16 -0.95
CA LEU A 292 -5.04 38.58 -1.21
C LEU A 292 -4.67 38.88 -2.66
N SER A 293 -5.59 39.53 -3.37
CA SER A 293 -5.49 39.80 -4.80
C SER A 293 -5.58 38.47 -5.53
N GLY A 294 -4.64 38.12 -6.40
CA GLY A 294 -4.83 36.98 -7.27
C GLY A 294 -4.72 35.62 -6.60
N LYS A 295 -3.49 35.14 -6.45
CA LYS A 295 -3.26 33.83 -5.87
C LYS A 295 -1.85 33.73 -5.30
N LYS A 296 -0.92 33.16 -6.06
CA LYS A 296 0.43 32.89 -5.58
C LYS A 296 1.38 34.04 -5.87
N VAL A 300 3.91 33.54 0.59
CA VAL A 300 4.23 32.93 1.87
C VAL A 300 3.54 33.69 2.99
N ALA A 301 3.60 35.03 2.93
CA ALA A 301 3.01 35.88 3.94
C ALA A 301 1.64 36.42 3.57
N GLU A 302 1.30 36.46 2.29
CA GLU A 302 0.02 37.02 1.83
C GLU A 302 -0.91 35.96 1.26
N GLN A 303 -0.62 34.68 1.43
CA GLN A 303 -1.35 33.59 0.78
C GLN A 303 -2.28 32.92 1.80
N CYS A 304 -3.57 32.89 1.49
CA CYS A 304 -4.55 32.35 2.43
C CYS A 304 -5.53 31.44 1.72
N LYS A 305 -6.10 30.50 2.48
CA LYS A 305 -7.00 29.48 1.95
C LYS A 305 -8.20 29.30 2.87
N ARG A 306 -9.30 28.82 2.31
CA ARG A 306 -10.56 28.69 3.02
C ARG A 306 -11.11 27.28 2.91
N ARG A 307 -11.27 26.62 4.05
CA ARG A 307 -11.97 25.34 4.12
C ARG A 307 -13.47 25.60 4.16
N THR A 308 -14.18 25.08 3.14
CA THR A 308 -15.63 25.15 3.05
C THR A 308 -16.20 23.73 3.08
N ILE A 309 -16.81 23.36 4.19
CA ILE A 309 -17.43 22.04 4.28
C ILE A 309 -18.86 22.15 3.79
N LEU A 310 -19.31 21.09 3.12
CA LEU A 310 -20.68 20.91 2.69
C LEU A 310 -21.13 19.49 3.05
N THR A 311 -22.35 19.38 3.56
CA THR A 311 -22.89 18.07 3.86
C THR A 311 -23.66 17.56 2.64
N THR A 312 -24.34 16.42 2.80
CA THR A 312 -24.89 15.75 1.64
C THR A 312 -26.30 15.20 1.87
N SER A 313 -27.03 15.72 2.86
CA SER A 313 -28.37 15.24 3.18
C SER A 313 -28.37 13.73 3.42
N HIS A 314 -28.79 12.95 2.44
CA HIS A 314 -28.68 11.50 2.54
C HIS A 314 -27.22 11.08 2.50
N LEU A 315 -26.92 9.97 3.17
CA LEU A 315 -25.54 9.61 3.44
C LEU A 315 -25.02 8.65 2.37
N PHE A 316 -23.79 8.90 1.92
CA PHE A 316 -23.16 8.02 0.95
C PHE A 316 -22.87 6.67 1.59
N PRO A 317 -22.91 5.57 0.83
CA PRO A 317 -23.47 5.45 -0.53
C PRO A 317 -24.99 5.41 -0.52
N TYR A 318 -25.61 5.89 -1.59
CA TYR A 318 -27.05 6.01 -1.72
C TYR A 318 -27.47 5.39 -3.05
N VAL A 319 -28.77 5.42 -3.34
CA VAL A 319 -29.30 4.79 -4.55
C VAL A 319 -28.83 5.53 -5.79
N LYS A 320 -29.18 6.81 -5.90
CA LYS A 320 -28.86 7.62 -7.06
C LYS A 320 -27.48 8.26 -6.86
N LYS A 321 -26.73 8.34 -7.96
CA LYS A 321 -25.31 8.67 -7.86
C LYS A 321 -25.08 10.07 -7.31
N ARG A 322 -25.89 11.03 -7.73
CA ARG A 322 -25.82 12.41 -7.28
C ARG A 322 -26.60 12.60 -5.99
N ILE A 323 -26.23 13.63 -5.23
CA ILE A 323 -27.03 14.09 -4.10
C ILE A 323 -26.49 15.45 -3.64
N GLN A 324 -27.40 16.35 -3.24
CA GLN A 324 -27.13 17.78 -3.15
C GLN A 324 -26.43 18.18 -1.84
N VAL A 325 -25.91 19.42 -1.84
CA VAL A 325 -24.98 19.91 -0.82
C VAL A 325 -25.71 20.54 0.36
N ILE A 326 -26.23 21.76 0.15
CA ILE A 326 -27.16 22.54 0.99
C ILE A 326 -26.48 23.69 1.73
N SER A 327 -25.27 23.50 2.24
CA SER A 327 -24.63 24.59 2.98
C SER A 327 -23.11 24.51 2.85
N GLN A 328 -22.46 25.66 2.74
CA GLN A 328 -21.00 25.73 2.61
C GLN A 328 -20.46 26.61 3.71
N SER A 329 -20.27 26.05 4.91
CA SER A 329 -19.70 26.80 6.02
C SER A 329 -18.18 26.85 5.89
N SER A 330 -17.63 28.05 6.02
CA SER A 330 -16.24 28.32 5.67
C SER A 330 -15.44 28.69 6.92
N THR A 331 -14.35 27.97 7.16
CA THR A 331 -13.37 28.32 8.19
C THR A 331 -12.16 28.93 7.47
N GLU A 332 -12.00 30.24 7.59
CA GLU A 332 -10.94 30.94 6.89
C GLU A 332 -9.63 30.84 7.68
N LEU A 333 -8.54 30.57 6.95
CA LEU A 333 -7.22 30.42 7.56
C LEU A 333 -6.27 31.43 6.95
N ASN A 334 -5.79 32.34 7.79
CA ASN A 334 -4.84 33.38 7.40
C ASN A 334 -3.46 32.77 7.18
N PRO A 335 -2.53 33.51 6.53
CA PRO A 335 -1.24 32.92 6.14
C PRO A 335 -0.35 32.40 7.27
N ILE A 336 -0.79 32.46 8.53
CA ILE A 336 -0.05 31.85 9.62
C ILE A 336 -0.75 30.61 10.14
N GLU A 337 -2.08 30.62 10.19
CA GLU A 337 -2.79 29.41 10.61
C GLU A 337 -2.58 28.28 9.60
N VAL A 338 -2.61 28.62 8.30
CA VAL A 338 -2.36 27.59 7.29
C VAL A 338 -0.89 27.19 7.30
N ALA A 339 0.01 28.13 7.54
CA ALA A 339 1.42 27.80 7.69
C ALA A 339 1.62 26.78 8.80
N ILE A 340 0.95 26.98 9.93
CA ILE A 340 1.03 26.01 11.02
C ILE A 340 0.48 24.67 10.56
N ASP A 341 -0.68 24.68 9.90
CA ASP A 341 -1.38 23.44 9.57
C ASP A 341 -0.82 22.76 8.33
N GLU A 342 -0.34 23.53 7.34
CA GLU A 342 0.17 22.92 6.11
C GLU A 342 1.64 22.52 6.24
N MET A 343 2.43 23.27 7.00
CA MET A 343 3.77 22.78 7.32
C MET A 343 3.68 21.57 8.24
N SER A 344 2.63 21.50 9.07
CA SER A 344 2.36 20.28 9.83
C SER A 344 1.91 19.14 8.91
N LYS A 345 1.34 19.47 7.76
CA LYS A 345 0.82 18.44 6.86
C LYS A 345 1.94 17.61 6.26
N LYS A 346 3.00 18.26 5.78
CA LYS A 346 4.11 17.51 5.20
C LYS A 346 4.99 16.84 6.25
N VAL A 347 4.65 16.96 7.54
CA VAL A 347 5.42 16.33 8.60
C VAL A 347 4.90 14.92 8.84
N SER A 348 3.60 14.81 9.16
CA SER A 348 2.99 13.49 9.37
C SER A 348 3.09 12.61 8.14
N GLU A 349 3.18 13.21 6.94
CA GLU A 349 3.23 12.42 5.71
C GLU A 349 4.53 11.64 5.60
N LEU A 350 5.66 12.30 5.82
CA LEU A 350 6.95 11.61 5.81
C LEU A 350 6.99 10.53 6.89
N ASN A 351 6.47 10.84 8.08
CA ASN A 351 6.35 9.86 9.15
C ASN A 351 5.44 8.70 8.79
N GLN A 352 4.61 8.83 7.75
CA GLN A 352 3.70 7.78 7.36
C GLN A 352 4.26 6.86 6.29
N LEU A 353 5.41 7.18 5.72
CA LEU A 353 6.09 6.28 4.80
C LEU A 353 7.08 5.36 5.49
N CYS A 354 7.26 5.51 6.80
CA CYS A 354 8.19 4.71 7.60
C CYS A 354 7.49 3.61 8.38
N THR A 355 6.33 3.88 8.97
CA THR A 355 5.56 2.81 9.61
C THR A 355 5.08 1.80 8.58
N MET A 356 4.96 2.23 7.32
CA MET A 356 4.63 1.29 6.25
C MET A 356 5.70 0.21 6.17
N GLU A 357 5.28 -0.99 5.76
CA GLU A 357 6.22 -2.11 5.68
C GLU A 357 6.93 -2.16 4.34
N GLU A 358 6.19 -1.93 3.26
CA GLU A 358 6.75 -1.93 1.91
C GLU A 358 7.88 -0.93 1.78
N VAL A 359 7.55 0.37 1.82
CA VAL A 359 8.50 1.46 1.63
C VAL A 359 9.21 1.29 0.30
N ASP A 360 8.73 1.99 -0.71
CA ASP A 360 9.14 1.75 -2.08
C ASP A 360 10.20 2.79 -2.43
N MET A 361 11.37 2.31 -2.86
CA MET A 361 12.54 3.16 -3.07
C MET A 361 12.21 4.43 -3.85
N ILE A 362 11.15 4.40 -4.65
CA ILE A 362 10.82 5.55 -5.49
C ILE A 362 10.00 6.56 -4.70
N ARG A 363 9.08 6.11 -3.86
CA ARG A 363 8.15 7.02 -3.21
C ARG A 363 8.76 7.84 -2.08
N LEU A 364 9.94 7.46 -1.58
CA LEU A 364 10.54 8.18 -0.47
C LEU A 364 11.40 9.35 -0.97
N GLN A 365 12.41 9.04 -1.79
CA GLN A 365 13.38 10.03 -2.27
C GLN A 365 12.74 11.30 -2.78
N LEU A 366 11.52 11.20 -3.31
CA LEU A 366 10.83 12.37 -3.82
C LEU A 366 10.36 13.29 -2.69
N LYS A 367 9.59 12.74 -1.74
CA LYS A 367 8.99 13.58 -0.71
C LYS A 367 10.04 14.24 0.16
N LEU A 368 11.22 13.64 0.29
CA LEU A 368 12.28 14.27 1.07
C LEU A 368 12.95 15.38 0.27
N GLN A 369 13.13 15.17 -1.04
CA GLN A 369 13.53 16.28 -1.91
C GLN A 369 12.58 17.45 -1.76
N GLY A 370 11.28 17.16 -1.63
CA GLY A 370 10.35 18.20 -1.26
C GLY A 370 10.61 18.75 0.13
N SER A 371 11.21 17.95 0.99
CA SER A 371 11.46 18.38 2.36
C SER A 371 12.83 19.05 2.53
N VAL A 372 13.89 18.49 1.96
CA VAL A 372 15.25 18.99 2.21
C VAL A 372 15.80 19.82 1.05
N SER A 373 15.65 19.34 -0.18
CA SER A 373 16.26 19.97 -1.36
C SER A 373 15.20 20.67 -2.20
N VAL A 374 14.74 21.82 -1.71
CA VAL A 374 13.71 22.57 -2.41
C VAL A 374 14.30 23.21 -3.66
N LYS A 375 13.59 23.09 -4.78
CA LYS A 375 13.94 23.74 -6.02
C LYS A 375 12.67 24.03 -6.81
N VAL A 376 12.63 25.21 -7.45
CA VAL A 376 11.48 25.71 -8.18
C VAL A 376 10.25 25.71 -7.27
N ASN A 377 10.41 26.28 -6.07
CA ASN A 377 9.32 26.54 -5.15
C ASN A 377 9.93 27.38 -4.03
N ALA A 378 9.06 27.88 -3.15
CA ALA A 378 9.51 28.72 -2.05
C ALA A 378 10.58 28.02 -1.23
N GLY A 379 10.18 27.05 -0.44
CA GLY A 379 11.09 26.34 0.42
C GLY A 379 10.60 26.35 1.86
N PRO A 380 10.87 25.28 2.59
CA PRO A 380 10.36 25.18 3.97
C PRO A 380 10.87 26.28 4.88
N MET A 381 11.88 27.05 4.46
CA MET A 381 12.43 28.10 5.32
C MET A 381 11.70 29.42 5.18
N ALA A 382 10.98 29.63 4.07
CA ALA A 382 10.18 30.83 3.92
C ALA A 382 9.14 30.95 5.02
N TYR A 383 8.74 29.84 5.65
CA TYR A 383 7.86 29.90 6.81
C TYR A 383 8.60 30.45 8.02
N ALA A 384 9.86 30.05 8.20
CA ALA A 384 10.63 30.51 9.36
C ALA A 384 10.86 32.01 9.30
N ARG A 385 11.37 32.51 8.18
CA ARG A 385 11.79 33.90 8.12
C ARG A 385 10.61 34.86 8.27
N ALA A 386 9.41 34.44 7.90
CA ALA A 386 8.27 35.36 7.91
C ALA A 386 7.47 35.29 9.21
N PHE A 387 7.35 34.11 9.80
CA PHE A 387 6.55 33.93 11.01
C PHE A 387 7.36 33.47 12.21
N LEU A 388 8.68 33.40 12.09
CA LEU A 388 9.53 32.92 13.19
C LEU A 388 10.77 33.76 13.45
N GLU A 389 11.16 34.66 12.55
CA GLU A 389 12.35 35.46 12.82
C GLU A 389 12.13 36.33 14.05
N GLU A 390 13.24 36.78 14.64
CA GLU A 390 13.17 37.59 15.84
C GLU A 390 12.37 38.86 15.59
N THR A 391 12.64 39.54 14.46
CA THR A 391 11.90 40.75 14.13
C THR A 391 10.43 40.43 13.86
N ASN A 392 10.15 39.35 13.14
CA ASN A 392 8.79 38.87 13.02
C ASN A 392 8.35 38.21 14.32
N ALA A 393 7.14 37.67 14.31
CA ALA A 393 6.59 36.91 15.44
C ALA A 393 6.55 37.75 16.71
N LYS A 394 6.15 39.01 16.57
CA LYS A 394 5.89 39.87 17.72
C LYS A 394 4.43 40.25 17.87
N LYS A 395 3.67 40.22 16.79
CA LYS A 395 2.22 40.44 16.84
C LYS A 395 1.43 39.15 16.75
N TYR A 396 1.93 38.17 16.01
CA TYR A 396 1.36 36.84 16.07
C TYR A 396 1.40 36.36 17.52
N PRO A 397 0.31 35.84 18.07
CA PRO A 397 0.34 35.33 19.44
C PRO A 397 1.40 34.26 19.59
N ASP A 398 1.86 34.07 20.83
CA ASP A 398 2.68 32.90 21.14
C ASP A 398 1.80 31.66 21.04
N ASN A 399 2.09 30.63 21.83
CA ASN A 399 1.49 29.29 21.76
C ASN A 399 1.15 28.83 20.34
N GLN A 400 0.57 29.70 19.51
CA GLN A 400 0.59 29.50 18.06
C GLN A 400 2.01 29.20 17.58
N VAL A 401 2.92 30.18 17.74
CA VAL A 401 4.31 30.00 17.33
C VAL A 401 4.98 28.90 18.13
N LYS A 402 4.49 28.63 19.33
CA LYS A 402 5.05 27.53 20.12
C LYS A 402 4.70 26.18 19.51
N LEU A 403 3.43 25.99 19.11
CA LEU A 403 3.07 24.77 18.41
C LEU A 403 3.83 24.66 17.10
N LEU A 404 4.08 25.80 16.43
CA LEU A 404 4.88 25.79 15.22
C LEU A 404 6.30 25.30 15.49
N LYS A 405 6.78 25.47 16.74
CA LYS A 405 8.08 24.94 17.10
C LYS A 405 8.06 23.41 17.17
N GLU A 406 7.14 22.85 17.96
CA GLU A 406 7.11 21.40 18.15
C GLU A 406 6.86 20.68 16.83
N ILE A 407 6.01 21.25 15.97
CA ILE A 407 5.84 20.70 14.63
C ILE A 407 7.14 20.80 13.85
N PHE A 408 7.89 21.88 14.04
CA PHE A 408 9.13 22.07 13.30
C PHE A 408 10.18 21.04 13.74
N ARG A 409 10.30 20.81 15.04
CA ARG A 409 11.27 19.83 15.52
C ARG A 409 10.88 18.42 15.10
N GLN A 410 9.63 18.01 15.37
CA GLN A 410 9.19 16.69 14.95
C GLN A 410 9.34 16.51 13.44
N PHE A 411 9.17 17.59 12.68
CA PHE A 411 9.44 17.54 11.25
C PHE A 411 10.93 17.38 10.96
N ALA A 412 11.79 17.74 11.90
CA ALA A 412 13.22 17.53 11.70
C ALA A 412 13.66 16.14 12.14
N ASP A 413 13.36 15.78 13.40
CA ASP A 413 13.82 14.50 13.95
C ASP A 413 13.32 13.32 13.12
N ALA A 414 12.21 13.48 12.41
CA ALA A 414 11.77 12.43 11.49
C ALA A 414 12.43 12.58 10.13
N CYS A 415 12.57 13.82 9.66
CA CYS A 415 13.30 14.08 8.42
C CYS A 415 14.66 13.42 8.43
N GLY A 416 15.35 13.46 9.56
CA GLY A 416 16.62 12.76 9.66
C GLY A 416 16.46 11.25 9.70
N GLN A 417 15.43 10.77 10.39
CA GLN A 417 15.09 9.35 10.33
C GLN A 417 14.81 8.91 8.90
N ALA A 418 14.30 9.83 8.08
CA ALA A 418 13.94 9.48 6.70
C ALA A 418 15.18 9.26 5.84
N LEU A 419 16.18 10.15 5.96
CA LEU A 419 17.37 10.03 5.13
C LEU A 419 18.12 8.74 5.42
N ASP A 420 18.06 8.24 6.66
CA ASP A 420 18.71 6.98 6.98
C ASP A 420 18.04 5.81 6.25
N VAL A 421 16.71 5.82 6.17
CA VAL A 421 16.00 4.77 5.45
C VAL A 421 16.32 4.86 3.95
N ASN A 422 16.35 6.07 3.41
CA ASN A 422 16.76 6.26 2.03
C ASN A 422 18.18 5.77 1.79
N GLU A 423 18.96 5.57 2.85
CA GLU A 423 20.28 4.96 2.73
C GLU A 423 20.21 3.43 2.73
N ARG A 424 19.06 2.86 3.10
CA ARG A 424 18.90 1.42 3.19
C ARG A 424 18.53 0.77 1.87
N LEU A 425 17.98 1.54 0.91
CA LEU A 425 17.62 0.97 -0.38
C LEU A 425 18.06 1.84 -1.55
N ILE A 426 19.06 2.69 -1.36
CA ILE A 426 19.59 3.51 -2.44
C ILE A 426 20.20 2.61 -3.51
N LYS A 427 21.30 1.93 -3.16
CA LYS A 427 21.97 0.95 -4.01
C LYS A 427 22.74 1.60 -5.16
N GLU A 428 24.06 1.46 -5.13
CA GLU A 428 24.96 1.88 -6.21
C GLU A 428 25.03 3.40 -6.37
N ASP A 429 24.74 3.86 -7.59
CA ASP A 429 24.96 5.25 -7.96
C ASP A 429 24.17 6.21 -7.06
N GLN A 430 22.95 5.85 -6.70
CA GLN A 430 22.10 6.71 -5.88
C GLN A 430 22.76 7.11 -4.56
N LEU A 431 23.82 6.44 -4.16
CA LEU A 431 24.50 6.78 -2.92
C LEU A 431 25.23 8.11 -3.04
N GLU A 432 25.89 8.36 -4.17
CA GLU A 432 26.52 9.66 -4.41
C GLU A 432 25.51 10.78 -4.26
N TYR A 433 24.26 10.51 -4.62
CA TYR A 433 23.17 11.47 -4.50
C TYR A 433 22.82 11.74 -3.04
N GLN A 434 22.40 10.70 -2.31
CA GLN A 434 22.00 10.88 -0.90
C GLN A 434 23.06 11.63 -0.11
N GLU A 435 24.34 11.47 -0.49
CA GLU A 435 25.40 12.29 0.10
C GLU A 435 25.10 13.78 -0.02
N GLU A 436 24.35 14.17 -1.06
CA GLU A 436 23.94 15.56 -1.18
C GLU A 436 22.69 15.85 -0.36
N LEU A 437 21.81 14.86 -0.20
CA LEU A 437 20.56 15.07 0.53
C LEU A 437 20.81 15.51 1.96
N ARG A 438 21.62 14.74 2.70
CA ARG A 438 21.95 15.14 4.06
C ARG A 438 22.67 16.48 4.10
N SER A 439 23.47 16.76 3.06
CA SER A 439 24.12 18.07 2.95
C SER A 439 23.09 19.19 2.95
N HIS A 440 22.16 19.13 2.00
CA HIS A 440 21.07 20.11 1.96
C HIS A 440 20.32 20.15 3.29
N TYR A 441 20.19 18.99 3.95
CA TYR A 441 19.50 18.92 5.22
C TYR A 441 20.32 19.56 6.33
N LYS A 442 21.62 19.24 6.40
CA LYS A 442 22.46 19.81 7.44
C LYS A 442 22.50 21.34 7.33
N ASP A 443 22.54 21.86 6.11
CA ASP A 443 22.48 23.30 5.91
C ASP A 443 21.12 23.85 6.32
N MET A 444 20.05 23.09 6.09
CA MET A 444 18.72 23.50 6.49
C MET A 444 18.63 23.71 8.00
N LEU A 445 19.39 22.93 8.77
CA LEU A 445 19.44 23.12 10.22
C LEU A 445 20.10 24.45 10.58
N SER A 446 21.18 24.82 9.87
CA SER A 446 21.91 26.03 10.19
C SER A 446 21.03 27.27 10.03
N GLU A 447 20.42 27.44 8.86
CA GLU A 447 19.58 28.61 8.63
C GLU A 447 18.40 28.64 9.59
N LEU A 448 17.84 27.48 9.93
CA LEU A 448 16.77 27.45 10.92
C LEU A 448 17.22 28.01 12.25
N SER A 449 18.51 27.94 12.55
CA SER A 449 19.02 28.38 13.85
C SER A 449 19.21 29.88 13.92
N THR A 450 19.44 30.53 12.77
CA THR A 450 19.68 31.97 12.73
C THR A 450 18.38 32.76 12.76
N VAL A 451 17.37 32.30 12.01
CA VAL A 451 16.07 32.98 12.01
C VAL A 451 15.41 32.86 13.38
N MET A 452 15.65 31.77 14.10
CA MET A 452 14.96 31.48 15.35
C MET A 452 15.74 31.91 16.59
N ASN A 453 17.01 32.29 16.44
CA ASN A 453 17.87 32.66 17.57
C ASN A 453 17.93 31.52 18.59
N GLU A 454 18.33 30.35 18.13
CA GLU A 454 18.18 29.13 18.92
C GLU A 454 18.90 27.99 18.24
N GLN A 455 19.45 27.09 19.05
CA GLN A 455 20.29 26.00 18.55
C GLN A 455 19.44 24.83 18.06
N ILE A 456 19.80 24.28 16.91
CA ILE A 456 18.99 23.29 16.19
C ILE A 456 19.84 22.06 15.93
N THR A 457 19.49 20.94 16.56
CA THR A 457 20.26 19.70 16.43
C THR A 457 19.54 18.65 15.58
N ALA B 3 5.17 2.81 -8.39
CA ALA B 3 6.60 2.54 -8.16
C ALA B 3 7.46 3.23 -9.22
N ILE B 4 6.89 4.18 -9.96
CA ILE B 4 7.51 4.67 -11.18
C ILE B 4 8.12 6.05 -10.93
N LYS B 5 9.32 6.25 -11.45
CA LYS B 5 10.04 7.50 -11.37
C LYS B 5 9.98 8.20 -12.72
N CYS B 6 9.96 9.53 -12.68
CA CYS B 6 9.64 10.32 -13.86
C CYS B 6 10.09 11.77 -13.72
N VAL B 7 10.97 12.25 -14.62
CA VAL B 7 11.57 13.57 -14.47
C VAL B 7 10.77 14.59 -15.28
N VAL B 8 10.83 15.85 -14.85
CA VAL B 8 10.18 16.97 -15.52
C VAL B 8 11.26 18.00 -15.80
N VAL B 9 11.84 17.97 -17.00
CA VAL B 9 12.86 18.96 -17.37
C VAL B 9 12.16 20.23 -17.82
N GLY B 10 12.89 21.07 -18.56
CA GLY B 10 12.28 22.22 -19.19
C GLY B 10 12.79 23.57 -18.74
N ASP B 11 12.73 24.54 -19.64
CA ASP B 11 13.02 25.92 -19.29
C ASP B 11 12.11 26.39 -18.16
N GLY B 12 12.64 27.29 -17.34
CA GLY B 12 11.84 27.88 -16.29
C GLY B 12 10.62 28.58 -16.86
N ALA B 13 9.53 28.56 -16.10
CA ALA B 13 8.27 29.19 -16.51
C ALA B 13 7.79 28.63 -17.86
N VAL B 14 8.04 27.35 -18.08
CA VAL B 14 7.33 26.58 -19.11
C VAL B 14 6.14 25.95 -18.43
N GLY B 15 5.72 26.51 -17.31
CA GLY B 15 4.57 26.03 -16.57
C GLY B 15 4.75 24.67 -15.95
N LYS B 16 6.00 24.18 -15.89
CA LYS B 16 6.29 22.87 -15.34
C LYS B 16 5.63 22.68 -13.97
N THR B 17 6.00 23.52 -13.01
CA THR B 17 5.36 23.47 -11.70
C THR B 17 3.89 23.87 -11.79
N CYS B 18 3.58 24.87 -12.61
CA CYS B 18 2.20 25.33 -12.76
C CYS B 18 1.27 24.22 -13.22
N LEU B 19 1.78 23.28 -14.01
CA LEU B 19 0.97 22.19 -14.52
C LEU B 19 0.80 21.07 -13.49
N LEU B 20 1.94 20.49 -13.07
CA LEU B 20 1.91 19.37 -12.13
C LEU B 20 1.11 19.70 -10.88
N ILE B 21 1.23 20.94 -10.38
CA ILE B 21 0.44 21.37 -9.24
C ILE B 21 -1.04 21.18 -9.52
N SER B 22 -1.48 21.49 -10.73
CA SER B 22 -2.91 21.45 -11.04
C SER B 22 -3.42 20.04 -11.25
N TYR B 23 -2.55 19.10 -11.61
CA TYR B 23 -2.99 17.74 -11.88
C TYR B 23 -3.11 16.91 -10.60
N THR B 24 -1.99 16.74 -9.89
CA THR B 24 -1.97 15.86 -8.71
C THR B 24 -3.01 16.28 -7.68
N THR B 25 -3.31 17.57 -7.60
CA THR B 25 -4.42 18.06 -6.81
C THR B 25 -5.48 18.57 -7.77
N ASN B 26 -6.60 17.86 -7.85
CA ASN B 26 -7.67 18.22 -8.79
C ASN B 26 -8.33 19.51 -8.30
N ALA B 27 -8.00 20.65 -8.94
CA ALA B 27 -8.59 21.90 -8.51
C ALA B 27 -8.63 22.96 -9.61
N PHE B 28 -8.28 22.63 -10.87
CA PHE B 28 -8.18 23.55 -12.01
C PHE B 28 -7.02 24.53 -11.85
N PRO B 29 -6.28 24.78 -12.93
CA PRO B 29 -5.05 25.57 -12.84
C PRO B 29 -5.34 27.00 -12.39
N GLY B 30 -4.28 27.67 -11.96
CA GLY B 30 -4.41 29.04 -11.48
C GLY B 30 -5.19 29.13 -10.18
N GLU B 31 -5.93 28.08 -9.87
CA GLU B 31 -6.63 27.93 -8.59
C GLU B 31 -5.90 26.95 -7.68
N TYR B 32 -4.70 26.52 -8.05
CA TYR B 32 -3.98 25.55 -7.24
C TYR B 32 -3.61 26.15 -5.91
N ILE B 33 -3.99 25.47 -4.83
CA ILE B 33 -3.65 25.87 -3.48
C ILE B 33 -2.13 25.73 -3.30
N PRO B 34 -1.41 26.85 -3.19
CA PRO B 34 0.05 26.80 -3.39
C PRO B 34 0.79 26.30 -2.17
N THR B 35 1.96 25.73 -2.43
CA THR B 35 2.83 25.27 -1.37
C THR B 35 4.28 25.29 -1.87
N VAL B 36 5.18 25.08 -0.92
CA VAL B 36 6.60 24.99 -1.19
C VAL B 36 6.94 23.55 -1.56
N PHE B 37 7.93 22.99 -0.87
CA PHE B 37 8.31 21.59 -0.99
C PHE B 37 8.76 21.21 -2.40
N ASP B 38 7.85 21.23 -3.37
CA ASP B 38 8.13 20.82 -4.75
C ASP B 38 8.42 19.34 -4.82
N ASN B 39 8.62 18.80 -6.03
CA ASN B 39 8.64 17.36 -6.26
C ASN B 39 7.32 16.74 -5.81
N TYR B 40 6.41 16.54 -6.75
CA TYR B 40 5.06 16.09 -6.48
C TYR B 40 4.88 14.63 -6.92
N SER B 41 3.73 14.07 -6.56
CA SER B 41 3.38 12.72 -7.00
C SER B 41 1.93 12.43 -6.65
N ALA B 42 1.34 11.50 -7.40
CA ALA B 42 0.00 10.99 -7.15
C ALA B 42 -0.18 9.73 -7.99
N ASN B 43 -1.30 9.05 -7.77
CA ASN B 43 -1.61 7.77 -8.41
C ASN B 43 -2.74 7.91 -9.42
N VAL B 44 -2.61 7.24 -10.57
CA VAL B 44 -3.54 7.42 -11.69
C VAL B 44 -4.00 6.08 -12.24
N MET B 45 -5.24 6.07 -12.75
CA MET B 45 -5.87 4.90 -13.34
C MET B 45 -5.65 4.92 -14.86
N VAL B 46 -4.99 3.90 -15.39
CA VAL B 46 -4.56 3.87 -16.78
C VAL B 46 -4.93 2.53 -17.39
N ASP B 47 -5.36 2.55 -18.66
CA ASP B 47 -5.66 1.33 -19.41
C ASP B 47 -6.62 0.44 -18.64
N GLY B 48 -6.09 -0.30 -17.66
CA GLY B 48 -6.91 -1.12 -16.79
C GLY B 48 -6.47 -1.03 -15.34
N LYS B 49 -5.17 -1.01 -15.12
CA LYS B 49 -4.60 -1.08 -13.78
C LYS B 49 -4.47 0.31 -13.15
N PRO B 50 -4.47 0.39 -11.82
CA PRO B 50 -4.02 1.60 -11.14
C PRO B 50 -2.51 1.57 -10.90
N VAL B 51 -1.94 2.77 -10.73
CA VAL B 51 -0.50 2.94 -10.60
C VAL B 51 -0.22 4.15 -9.71
N ASN B 52 0.94 4.15 -9.07
CA ASN B 52 1.51 5.31 -8.37
C ASN B 52 2.57 5.95 -9.26
N LEU B 53 2.40 7.23 -9.58
CA LEU B 53 3.27 7.93 -10.52
C LEU B 53 4.03 9.03 -9.77
N GLY B 54 5.35 8.97 -9.83
CA GLY B 54 6.22 9.94 -9.15
C GLY B 54 6.77 10.98 -10.10
N LEU B 55 6.89 12.21 -9.59
CA LEU B 55 7.27 13.37 -10.41
C LEU B 55 8.37 14.17 -9.71
N TRP B 56 9.52 14.29 -10.37
CA TRP B 56 10.62 15.11 -9.87
C TRP B 56 10.63 16.45 -10.60
N ASP B 57 10.65 17.55 -9.85
CA ASP B 57 10.70 18.88 -10.42
C ASP B 57 12.14 19.32 -10.66
N THR B 58 12.38 19.96 -11.80
CA THR B 58 13.71 20.44 -12.16
C THR B 58 13.64 21.90 -12.54
N ALA B 59 14.75 22.62 -12.32
CA ALA B 59 14.83 24.05 -12.58
C ALA B 59 15.38 24.34 -13.97
N GLY B 60 14.78 25.33 -14.62
CA GLY B 60 15.35 25.87 -15.84
C GLY B 60 15.99 27.22 -15.59
N GLN B 61 16.42 27.44 -14.34
CA GLN B 61 16.91 28.73 -13.88
C GLN B 61 18.44 28.83 -13.90
N GLU B 62 19.11 28.00 -14.70
CA GLU B 62 20.52 28.16 -15.04
C GLU B 62 21.46 27.98 -13.85
N ASP B 63 21.26 28.77 -12.79
CA ASP B 63 22.15 28.66 -11.64
C ASP B 63 21.98 27.36 -10.87
N TYR B 64 21.07 26.47 -11.27
CA TYR B 64 20.91 25.17 -10.64
C TYR B 64 21.34 24.02 -11.55
N ASP B 65 22.11 24.28 -12.60
CA ASP B 65 22.80 23.20 -13.28
C ASP B 65 23.88 22.64 -12.35
N ARG B 66 24.26 21.38 -12.59
CA ARG B 66 25.21 20.61 -11.80
C ARG B 66 24.58 20.07 -10.51
N LEU B 67 23.68 20.84 -9.90
CA LEU B 67 22.85 20.35 -8.80
C LEU B 67 21.51 19.78 -9.29
N ARG B 68 21.32 19.69 -10.60
CA ARG B 68 20.13 19.08 -11.18
C ARG B 68 20.36 17.60 -11.54
N PRO B 69 21.37 17.26 -12.34
CA PRO B 69 21.44 15.90 -12.90
C PRO B 69 21.56 14.80 -11.85
N LEU B 70 21.88 15.14 -10.60
CA LEU B 70 22.19 14.09 -9.63
C LEU B 70 20.97 13.27 -9.25
N SER B 71 19.76 13.81 -9.45
CA SER B 71 18.55 13.07 -9.12
C SER B 71 18.02 12.23 -10.28
N TYR B 72 18.49 12.48 -11.51
CA TYR B 72 18.11 11.66 -12.66
C TYR B 72 18.37 10.17 -12.46
N PRO B 73 19.41 9.78 -11.70
CA PRO B 73 19.50 8.38 -11.26
C PRO B 73 18.19 7.82 -10.74
N GLN B 74 17.91 6.57 -11.09
CA GLN B 74 16.78 5.74 -10.66
C GLN B 74 15.54 5.93 -11.54
N THR B 75 15.49 6.97 -12.36
CA THR B 75 14.28 7.28 -13.10
C THR B 75 13.97 6.21 -14.14
N ASP B 76 12.68 6.01 -14.40
CA ASP B 76 12.20 4.98 -15.31
C ASP B 76 11.49 5.52 -16.55
N VAL B 77 11.04 6.78 -16.54
CA VAL B 77 10.55 7.46 -17.73
C VAL B 77 10.93 8.93 -17.60
N PHE B 78 11.34 9.54 -18.71
CA PHE B 78 11.73 10.94 -18.73
C PHE B 78 10.73 11.73 -19.57
N LEU B 79 10.70 13.05 -19.38
CA LEU B 79 9.93 13.89 -20.27
C LEU B 79 10.49 15.30 -20.18
N ILE B 80 10.41 16.03 -21.29
CA ILE B 80 10.95 17.37 -21.41
C ILE B 80 9.81 18.31 -21.75
N CYS B 81 9.71 19.40 -21.01
CA CYS B 81 8.56 20.29 -21.11
C CYS B 81 8.95 21.60 -21.76
N PHE B 82 8.32 21.92 -22.88
CA PHE B 82 8.43 23.22 -23.51
C PHE B 82 7.03 23.73 -23.76
N SER B 83 6.83 25.03 -23.49
CA SER B 83 5.59 25.67 -23.88
C SER B 83 5.64 26.00 -25.36
N LEU B 84 4.54 25.74 -26.06
CA LEU B 84 4.43 26.25 -27.42
C LEU B 84 4.36 27.77 -27.45
N VAL B 85 4.42 28.42 -26.30
CA VAL B 85 4.36 29.88 -26.19
C VAL B 85 5.66 30.45 -26.73
N SER B 86 6.73 30.37 -25.95
CA SER B 86 8.00 30.96 -26.32
C SER B 86 8.86 29.90 -27.01
N PRO B 87 8.99 29.93 -28.34
CA PRO B 87 9.87 28.98 -29.02
C PRO B 87 11.33 29.12 -28.64
N ALA B 88 11.70 30.22 -27.97
CA ALA B 88 13.01 30.30 -27.33
C ALA B 88 13.23 29.13 -26.39
N SER B 89 12.15 28.59 -25.81
CA SER B 89 12.25 27.31 -25.11
C SER B 89 12.40 26.17 -26.09
N PHE B 90 11.65 26.21 -27.19
CA PHE B 90 11.71 25.13 -28.19
C PHE B 90 13.11 25.05 -28.81
N GLU B 91 13.71 26.21 -29.11
CA GLU B 91 15.08 26.18 -29.60
C GLU B 91 16.03 25.63 -28.55
N ASN B 92 15.79 25.96 -27.28
CA ASN B 92 16.71 25.62 -26.20
C ASN B 92 16.50 24.21 -25.65
N VAL B 93 15.53 23.45 -26.13
CA VAL B 93 15.29 22.11 -25.61
C VAL B 93 15.96 21.03 -26.45
N ARG B 94 16.01 21.21 -27.78
CA ARG B 94 16.82 20.32 -28.59
C ARG B 94 18.28 20.35 -28.12
N ALA B 95 18.74 21.52 -27.69
CA ALA B 95 20.16 21.76 -27.45
C ALA B 95 20.57 21.66 -25.99
N LYS B 96 19.68 22.01 -25.05
CA LYS B 96 20.05 21.92 -23.64
C LYS B 96 19.65 20.59 -23.02
N TRP B 97 18.50 20.03 -23.40
CA TRP B 97 17.95 18.90 -22.67
C TRP B 97 18.07 17.55 -23.38
N TYR B 98 18.16 17.50 -24.70
CA TYR B 98 18.50 16.18 -25.23
C TYR B 98 20.00 15.94 -24.98
N PRO B 99 20.89 16.90 -25.22
CA PRO B 99 22.29 16.69 -24.81
C PRO B 99 22.46 16.42 -23.33
N GLU B 100 21.48 16.77 -22.49
CA GLU B 100 21.56 16.43 -21.08
C GLU B 100 21.04 15.03 -20.77
N VAL B 101 20.15 14.49 -21.61
CA VAL B 101 19.63 13.14 -21.39
C VAL B 101 20.62 12.08 -21.87
N ARG B 102 21.36 12.38 -22.94
CA ARG B 102 22.42 11.49 -23.41
C ARG B 102 23.54 11.35 -22.39
N HIS B 103 23.64 12.28 -21.45
CA HIS B 103 24.69 12.30 -20.44
C HIS B 103 24.30 11.60 -19.15
N HIS B 104 23.01 11.34 -18.93
CA HIS B 104 22.55 10.58 -17.77
C HIS B 104 21.31 9.79 -18.16
N CYS B 105 21.42 8.45 -18.07
CA CYS B 105 20.38 7.52 -18.52
C CYS B 105 20.02 7.81 -19.98
N PRO B 106 20.93 7.53 -20.92
CA PRO B 106 20.70 7.94 -22.30
C PRO B 106 19.77 7.03 -23.10
N HIS B 107 19.21 5.99 -22.50
CA HIS B 107 18.40 5.02 -23.27
C HIS B 107 17.03 4.78 -22.64
N THR B 108 16.58 5.66 -21.77
CA THR B 108 15.25 5.58 -21.16
C THR B 108 14.32 6.59 -21.84
N PRO B 109 13.13 6.16 -22.26
CA PRO B 109 12.28 7.02 -23.09
C PRO B 109 11.99 8.38 -22.44
N ILE B 110 12.10 9.42 -23.26
CA ILE B 110 11.90 10.79 -22.83
C ILE B 110 10.98 11.51 -23.80
N LEU B 111 9.67 11.39 -23.59
CA LEU B 111 8.70 12.05 -24.47
C LEU B 111 8.71 13.55 -24.22
N LEU B 112 8.92 14.33 -25.28
CA LEU B 112 8.86 15.79 -25.18
C LEU B 112 7.43 16.25 -25.42
N VAL B 113 6.96 17.17 -24.60
CA VAL B 113 5.55 17.55 -24.56
C VAL B 113 5.44 19.06 -24.70
N GLY B 114 4.40 19.51 -25.38
CA GLY B 114 4.10 20.93 -25.51
C GLY B 114 3.02 21.33 -24.56
N THR B 115 3.31 22.33 -23.73
CA THR B 115 2.35 22.87 -22.79
C THR B 115 1.85 24.24 -23.26
N LYS B 116 0.82 24.71 -22.57
CA LYS B 116 0.15 25.98 -22.89
C LYS B 116 -0.31 26.02 -24.35
N LEU B 117 -1.13 25.04 -24.72
CA LEU B 117 -1.76 25.08 -26.03
C LEU B 117 -2.89 26.09 -26.08
N ASP B 118 -3.60 26.29 -24.96
CA ASP B 118 -4.72 27.22 -24.88
C ASP B 118 -4.45 28.54 -25.58
N LEU B 119 -3.24 29.07 -25.41
CA LEU B 119 -2.90 30.40 -25.89
C LEU B 119 -2.66 30.48 -27.39
N ARG B 120 -2.53 29.34 -28.08
CA ARG B 120 -2.26 29.38 -29.51
C ARG B 120 -3.42 29.94 -30.32
N ASP B 121 -4.58 30.18 -29.70
CA ASP B 121 -5.71 30.84 -30.33
C ASP B 121 -6.12 32.11 -29.59
N ASP B 122 -5.23 32.67 -28.77
CA ASP B 122 -5.53 33.86 -28.00
C ASP B 122 -5.04 35.08 -28.77
N LYS B 123 -5.94 36.03 -29.05
CA LYS B 123 -5.63 37.13 -29.93
C LYS B 123 -4.75 38.19 -29.25
N ASP B 124 -4.98 38.44 -27.97
CA ASP B 124 -4.19 39.44 -27.26
C ASP B 124 -2.75 39.01 -27.03
N THR B 125 -2.47 37.71 -27.13
CA THR B 125 -1.09 37.22 -27.06
C THR B 125 -0.43 37.12 -28.43
N ILE B 126 -1.21 36.79 -29.46
CA ILE B 126 -0.72 36.93 -30.83
C ILE B 126 -0.50 38.39 -31.18
N GLU B 127 -1.07 39.31 -30.40
CA GLU B 127 -0.85 40.74 -30.60
C GLU B 127 0.47 41.19 -29.98
N ARG B 128 0.82 40.65 -28.81
CA ARG B 128 2.18 40.78 -28.30
C ARG B 128 3.16 39.90 -29.07
N LEU B 129 2.67 38.82 -29.67
CA LEU B 129 3.55 37.95 -30.44
C LEU B 129 3.92 38.60 -31.77
N ARG B 130 3.01 39.38 -32.36
CA ARG B 130 3.26 40.03 -33.64
C ARG B 130 4.17 41.25 -33.50
N ASP B 131 4.29 41.83 -32.31
CA ASP B 131 5.27 42.89 -32.09
C ASP B 131 6.69 42.38 -32.30
N LYS B 132 6.95 41.13 -31.89
CA LYS B 132 8.20 40.45 -32.19
C LYS B 132 8.05 39.41 -33.31
N LYS B 133 6.82 39.22 -33.80
CA LYS B 133 6.52 38.46 -35.03
C LYS B 133 6.75 36.95 -34.87
N LEU B 134 6.65 36.42 -33.66
CA LEU B 134 6.77 34.98 -33.43
C LEU B 134 5.72 34.51 -32.44
N ALA B 135 5.13 33.33 -32.70
CA ALA B 135 4.24 32.68 -31.75
C ALA B 135 4.03 31.19 -32.03
N PRO B 136 3.56 30.77 -33.22
CA PRO B 136 3.07 29.40 -33.36
C PRO B 136 4.19 28.38 -33.27
N ILE B 137 3.86 27.23 -32.71
CA ILE B 137 4.74 26.06 -32.69
C ILE B 137 3.85 24.89 -33.08
N THR B 138 3.88 24.51 -34.35
CA THR B 138 2.84 23.65 -34.92
C THR B 138 3.08 22.18 -34.64
N TYR B 139 2.00 21.45 -34.39
CA TYR B 139 2.12 20.02 -34.14
C TYR B 139 2.78 19.23 -35.28
N PRO B 140 2.63 19.60 -36.56
CA PRO B 140 3.54 19.04 -37.57
C PRO B 140 5.01 19.21 -37.23
N GLN B 141 5.43 20.43 -36.91
CA GLN B 141 6.80 20.63 -36.44
C GLN B 141 7.02 19.96 -35.09
N GLY B 142 5.98 19.93 -34.26
CA GLY B 142 6.12 19.30 -32.95
C GLY B 142 6.36 17.81 -33.04
N LEU B 143 5.54 17.11 -33.83
CA LEU B 143 5.77 15.68 -34.06
C LEU B 143 7.13 15.43 -34.69
N ALA B 144 7.60 16.35 -35.54
CA ALA B 144 8.83 16.12 -36.27
C ALA B 144 10.06 16.43 -35.43
N MET B 145 10.01 17.49 -34.63
CA MET B 145 11.11 17.79 -33.72
C MET B 145 11.32 16.66 -32.73
N ALA B 146 10.22 16.04 -32.27
CA ALA B 146 10.31 14.96 -31.31
C ALA B 146 10.70 13.64 -31.94
N ARG B 147 10.31 13.40 -33.19
CA ARG B 147 10.76 12.20 -33.88
C ARG B 147 12.24 12.30 -34.25
N GLU B 148 12.67 13.47 -34.71
CA GLU B 148 14.10 13.67 -34.96
C GLU B 148 14.89 13.77 -33.66
N ILE B 149 14.23 14.06 -32.54
CA ILE B 149 14.86 13.98 -31.23
C ILE B 149 14.74 12.54 -30.70
N GLY B 150 14.41 11.61 -31.59
CA GLY B 150 14.33 10.20 -31.26
C GLY B 150 13.41 9.86 -30.11
N SER B 151 12.46 10.74 -29.82
CA SER B 151 11.56 10.51 -28.70
C SER B 151 10.44 9.54 -29.09
N VAL B 152 9.51 9.32 -28.18
CA VAL B 152 8.44 8.35 -28.38
C VAL B 152 7.13 9.04 -28.76
N LYS B 153 6.82 10.18 -28.14
CA LYS B 153 5.60 10.91 -28.45
C LYS B 153 5.79 12.39 -28.11
N TYR B 154 5.11 13.23 -28.88
CA TYR B 154 4.92 14.64 -28.55
C TYR B 154 3.44 14.84 -28.29
N LEU B 155 3.10 15.60 -27.25
CA LEU B 155 1.71 15.80 -26.88
C LEU B 155 1.45 17.29 -26.67
N GLU B 156 0.61 17.85 -27.53
CA GLU B 156 0.06 19.19 -27.31
C GLU B 156 -0.85 19.13 -26.08
N CYS B 157 -0.36 19.64 -24.96
CA CYS B 157 -1.15 19.71 -23.75
C CYS B 157 -1.40 21.18 -23.41
N SER B 158 -2.43 21.40 -22.60
CA SER B 158 -2.84 22.73 -22.17
C SER B 158 -2.76 22.82 -20.65
N ALA B 159 -2.40 24.00 -20.16
CA ALA B 159 -2.48 24.26 -18.72
C ALA B 159 -3.94 24.19 -18.27
N LEU B 160 -4.67 25.29 -18.45
CA LEU B 160 -6.11 25.29 -18.18
C LEU B 160 -6.86 24.58 -19.29
N THR B 161 -8.18 24.83 -19.39
CA THR B 161 -9.12 24.17 -20.29
C THR B 161 -9.02 22.65 -20.25
N GLN B 162 -8.08 22.13 -19.46
CA GLN B 162 -7.89 20.70 -19.19
C GLN B 162 -7.51 19.89 -20.43
N ARG B 163 -7.76 20.44 -21.62
CA ARG B 163 -7.47 19.72 -22.86
C ARG B 163 -6.01 19.31 -22.91
N GLY B 164 -5.75 18.18 -23.56
CA GLY B 164 -4.39 17.70 -23.72
C GLY B 164 -3.85 16.99 -22.49
N LEU B 165 -4.38 17.36 -21.33
CA LEU B 165 -3.90 16.81 -20.07
C LEU B 165 -4.41 15.39 -19.89
N LYS B 166 -4.14 14.79 -18.72
CA LYS B 166 -4.49 13.40 -18.41
C LYS B 166 -3.76 12.45 -19.35
N THR B 167 -3.98 12.63 -20.66
CA THR B 167 -3.31 11.81 -21.66
C THR B 167 -1.80 11.76 -21.45
N VAL B 168 -1.23 12.88 -21.01
CA VAL B 168 0.23 12.98 -20.91
C VAL B 168 0.77 12.03 -19.85
N PHE B 169 0.27 12.15 -18.62
CA PHE B 169 0.70 11.27 -17.55
C PHE B 169 0.35 9.82 -17.86
N ASP B 170 -0.70 9.62 -18.66
CA ASP B 170 -1.07 8.27 -19.09
C ASP B 170 -0.02 7.69 -20.03
N GLU B 171 0.30 8.41 -21.10
CA GLU B 171 1.35 7.93 -22.00
C GLU B 171 2.73 7.98 -21.35
N ALA B 172 2.89 8.73 -20.26
CA ALA B 172 4.14 8.67 -19.51
C ALA B 172 4.38 7.26 -19.00
N ILE B 173 3.37 6.66 -18.36
CA ILE B 173 3.50 5.29 -17.90
C ILE B 173 3.23 4.30 -19.04
N ARG B 174 2.42 4.68 -20.02
CA ARG B 174 2.24 3.81 -21.18
C ARG B 174 3.52 3.71 -22.01
N ALA B 175 4.48 4.63 -21.81
CA ALA B 175 5.80 4.43 -22.37
C ALA B 175 6.52 3.29 -21.66
N VAL B 176 6.29 3.17 -20.35
CA VAL B 176 6.99 2.17 -19.55
C VAL B 176 6.42 0.78 -19.79
N LEU B 177 5.09 0.66 -19.87
CA LEU B 177 4.49 -0.67 -19.96
C LEU B 177 4.73 -1.29 -21.34
N CYS B 178 4.54 -0.52 -22.41
CA CYS B 178 4.64 -1.02 -23.77
C CYS B 178 5.60 -0.15 -24.58
N PRO B 179 6.91 -0.37 -24.43
CA PRO B 179 7.90 0.35 -25.25
C PRO B 179 7.89 -0.12 -26.70
N SER C 1 17.14 -36.05 37.27
CA SER C 1 16.26 -35.94 38.43
C SER C 1 15.65 -34.54 38.59
N THR C 2 14.80 -34.39 39.60
CA THR C 2 14.16 -33.14 40.01
C THR C 2 13.47 -32.48 38.79
N PRO C 3 13.60 -31.14 38.54
CA PRO C 3 12.49 -30.38 37.96
C PRO C 3 11.12 -31.06 37.81
N GLU C 4 10.80 -32.08 38.61
CA GLU C 4 9.43 -32.59 38.64
C GLU C 4 8.49 -31.59 39.30
N LEU C 5 9.02 -30.51 39.85
CA LEU C 5 8.26 -29.31 40.15
C LEU C 5 8.34 -28.32 39.00
N ARG C 6 9.48 -28.24 38.32
CA ARG C 6 9.56 -27.41 37.13
C ARG C 6 8.69 -27.93 35.99
N ARG C 7 7.97 -29.05 36.17
CA ARG C 7 6.79 -29.29 35.35
C ARG C 7 5.76 -28.20 35.56
N THR C 8 5.82 -27.54 36.73
CA THR C 8 4.98 -26.39 37.00
C THR C 8 5.64 -25.08 36.57
N TRP C 9 6.96 -25.08 36.38
CA TRP C 9 7.59 -24.02 35.60
C TRP C 9 6.89 -23.88 34.25
N LEU C 10 6.81 -24.98 33.51
CA LEU C 10 6.23 -24.96 32.16
C LEU C 10 4.78 -24.49 32.18
N GLU C 11 3.96 -25.07 33.05
CA GLU C 11 2.57 -24.61 33.17
C GLU C 11 2.51 -23.12 33.47
N SER C 12 3.35 -22.65 34.40
CA SER C 12 3.51 -21.21 34.59
C SER C 12 4.08 -20.57 33.33
N MET C 13 5.20 -21.12 32.83
CA MET C 13 5.80 -20.60 31.60
C MET C 13 4.82 -20.60 30.43
N ALA C 14 3.93 -21.60 30.38
CA ALA C 14 2.92 -21.61 29.33
C ALA C 14 1.96 -20.43 29.48
N LYS C 15 1.42 -20.24 30.69
CA LYS C 15 0.42 -19.21 30.91
C LYS C 15 0.91 -17.82 30.53
N ILE C 16 2.22 -17.59 30.58
CA ILE C 16 2.73 -16.29 30.15
C ILE C 16 2.84 -16.22 28.64
N HIS C 17 3.16 -17.35 27.99
CA HIS C 17 3.10 -17.42 26.54
C HIS C 17 1.68 -17.15 26.05
N ALA C 18 0.68 -17.72 26.75
CA ALA C 18 -0.71 -17.44 26.42
C ALA C 18 -1.04 -15.98 26.66
N ARG C 19 -0.56 -15.40 27.77
CA ARG C 19 -0.78 -13.98 28.02
C ARG C 19 0.00 -13.13 27.03
N ASN C 20 1.23 -13.54 26.70
CA ASN C 20 2.01 -12.85 25.67
C ASN C 20 1.35 -12.92 24.30
N GLY C 21 0.40 -13.82 24.10
CA GLY C 21 -0.12 -14.03 22.75
C GLY C 21 0.93 -14.63 21.84
N ASP C 22 1.82 -15.46 22.40
CA ASP C 22 2.78 -16.23 21.63
C ASP C 22 2.44 -17.69 21.89
N LEU C 23 1.51 -18.22 21.10
CA LEU C 23 0.89 -19.50 21.39
C LEU C 23 1.59 -20.69 20.76
N SER C 24 2.36 -20.47 19.69
CA SER C 24 3.05 -21.59 19.05
C SER C 24 4.19 -22.10 19.91
N GLU C 25 4.84 -21.21 20.67
CA GLU C 25 5.77 -21.67 21.69
C GLU C 25 5.05 -22.36 22.83
N ALA C 26 3.80 -21.95 23.10
CA ALA C 26 3.07 -22.36 24.29
C ALA C 26 2.63 -23.82 24.21
N ALA C 27 1.94 -24.19 23.12
CA ALA C 27 1.50 -25.57 22.96
C ALA C 27 2.64 -26.54 23.19
N MET C 28 3.84 -26.15 22.75
CA MET C 28 5.01 -27.00 22.89
C MET C 28 5.32 -27.29 24.36
N CYS C 29 5.01 -26.36 25.26
CA CYS C 29 5.16 -26.61 26.69
C CYS C 29 4.34 -27.81 27.12
N TYR C 30 3.02 -27.74 26.91
CA TYR C 30 2.13 -28.80 27.36
C TYR C 30 2.51 -30.17 26.81
N ILE C 31 3.18 -30.23 25.66
CA ILE C 31 3.63 -31.52 25.15
C ILE C 31 4.80 -32.05 25.98
N HIS C 32 5.82 -31.23 26.20
CA HIS C 32 6.94 -31.67 27.04
C HIS C 32 6.50 -31.95 28.47
N ILE C 33 5.41 -31.31 28.91
CA ILE C 33 4.80 -31.67 30.19
C ILE C 33 4.33 -33.12 30.14
N ALA C 34 3.47 -33.43 29.18
CA ALA C 34 3.02 -34.80 28.99
C ALA C 34 4.13 -35.71 28.48
N ALA C 35 5.24 -35.14 28.01
CA ALA C 35 6.38 -35.97 27.65
C ALA C 35 7.17 -36.35 28.90
N LEU C 36 7.18 -35.47 29.90
CA LEU C 36 7.89 -35.75 31.14
C LEU C 36 7.10 -36.68 32.04
N ILE C 37 5.78 -36.50 32.11
CA ILE C 37 4.92 -37.43 32.84
C ILE C 37 5.10 -38.84 32.31
N ALA C 38 5.32 -38.96 30.99
CA ALA C 38 5.35 -40.26 30.32
C ALA C 38 6.64 -41.04 30.57
N GLU C 39 7.66 -40.43 31.18
CA GLU C 39 8.82 -41.20 31.58
C GLU C 39 8.71 -41.67 33.03
N TYR C 40 8.07 -40.85 33.86
CA TYR C 40 7.95 -41.17 35.28
C TYR C 40 7.04 -42.36 35.50
N LEU C 41 5.91 -42.42 34.78
CA LEU C 41 5.09 -43.63 34.81
C LEU C 41 5.72 -44.78 34.04
N LYS C 42 6.80 -44.54 33.30
CA LYS C 42 7.50 -45.62 32.63
C LYS C 42 8.58 -46.23 33.54
N ARG C 43 9.25 -45.39 34.32
CA ARG C 43 10.27 -45.89 35.23
C ARG C 43 9.66 -46.69 36.38
N LYS C 44 8.47 -46.29 36.85
CA LYS C 44 7.72 -47.06 37.83
C LYS C 44 6.77 -48.05 37.19
N GLY C 45 6.80 -48.18 35.86
CA GLY C 45 6.07 -49.23 35.16
C GLY C 45 4.57 -49.07 35.08
N TYR C 46 4.03 -47.94 35.50
CA TYR C 46 2.58 -47.73 35.47
C TYR C 46 2.10 -47.34 34.07
N TRP C 84 8.79 -40.84 28.41
CA TRP C 84 9.88 -41.39 27.61
C TRP C 84 9.77 -40.92 26.17
N PRO C 85 10.91 -40.67 25.54
CA PRO C 85 10.92 -40.21 24.15
C PRO C 85 10.10 -41.10 23.23
N ALA C 86 8.77 -40.99 23.34
CA ALA C 86 7.84 -41.65 22.45
C ALA C 86 7.14 -40.67 21.53
N PHE C 87 7.37 -39.38 21.71
CA PHE C 87 6.80 -38.33 20.87
C PHE C 87 7.77 -37.85 19.79
N LEU C 88 8.81 -38.64 19.49
CA LEU C 88 9.86 -38.21 18.57
C LEU C 88 9.31 -37.80 17.21
N SER C 89 8.15 -38.31 16.82
CA SER C 89 7.50 -37.84 15.60
C SER C 89 7.08 -36.38 15.73
N ILE C 90 6.70 -35.97 16.94
CA ILE C 90 6.15 -34.62 17.13
C ILE C 90 7.26 -33.58 17.00
N THR C 91 8.31 -33.71 17.81
CA THR C 91 9.43 -32.77 17.78
C THR C 91 10.68 -33.42 18.37
N PRO C 92 11.76 -33.53 17.59
CA PRO C 92 12.93 -34.30 18.05
C PRO C 92 13.62 -33.71 19.28
N ASN C 93 13.48 -32.42 19.56
CA ASN C 93 14.08 -31.91 20.80
C ASN C 93 13.20 -32.18 22.02
N ILE C 94 12.59 -33.36 22.08
CA ILE C 94 11.85 -33.81 23.24
C ILE C 94 12.72 -34.71 24.12
N LYS C 95 14.04 -34.71 23.88
CA LYS C 95 14.98 -35.47 24.70
C LYS C 95 15.22 -34.84 26.06
N GLU C 96 15.05 -33.52 26.18
CA GLU C 96 15.24 -32.82 27.45
C GLU C 96 13.98 -32.93 28.30
N GLU C 97 13.56 -34.17 28.54
CA GLU C 97 12.38 -34.44 29.36
C GLU C 97 12.46 -35.80 30.02
N THR C 109 5.70 -37.94 43.98
CA THR C 109 5.35 -37.57 42.61
C THR C 109 4.07 -38.28 42.17
N PRO C 110 2.93 -37.60 42.34
CA PRO C 110 1.64 -38.27 42.15
C PRO C 110 1.03 -38.02 40.77
N TYR C 111 0.95 -39.07 39.94
CA TYR C 111 0.56 -38.92 38.55
C TYR C 111 -0.36 -40.05 38.12
N ASN C 112 -1.33 -39.71 37.27
CA ASN C 112 -2.31 -40.66 36.79
C ASN C 112 -2.42 -40.56 35.27
N GLU C 113 -3.05 -41.58 34.68
CA GLU C 113 -3.35 -41.52 33.26
C GLU C 113 -4.26 -40.35 32.95
N ASN C 114 -5.30 -40.17 33.77
CA ASN C 114 -6.23 -39.07 33.57
C ASN C 114 -5.51 -37.73 33.60
N ILE C 115 -4.52 -37.59 34.48
CA ILE C 115 -3.75 -36.35 34.53
C ILE C 115 -2.86 -36.23 33.30
N LEU C 116 -2.48 -37.36 32.69
CA LEU C 116 -1.66 -37.29 31.49
C LEU C 116 -2.50 -36.84 30.30
N VAL C 117 -3.69 -37.42 30.14
CA VAL C 117 -4.57 -37.04 29.03
C VAL C 117 -5.01 -35.58 29.19
N GLU C 118 -5.30 -35.15 30.41
CA GLU C 118 -5.61 -33.74 30.65
C GLU C 118 -4.43 -32.84 30.31
N GLN C 119 -3.21 -33.38 30.31
CA GLN C 119 -2.07 -32.63 29.80
C GLN C 119 -2.10 -32.54 28.28
N LEU C 120 -2.56 -33.61 27.62
CA LEU C 120 -2.71 -33.58 26.17
C LEU C 120 -3.91 -32.75 25.75
N TYR C 121 -5.08 -33.03 26.35
CA TYR C 121 -6.31 -32.32 26.01
C TYR C 121 -6.13 -30.81 26.03
N MET C 122 -5.33 -30.30 26.95
CA MET C 122 -5.06 -28.88 27.02
C MET C 122 -3.84 -28.46 26.19
N CYS C 123 -3.36 -29.33 25.31
CA CYS C 123 -2.33 -28.99 24.34
C CYS C 123 -2.91 -28.87 22.93
N VAL C 124 -3.76 -29.81 22.54
CA VAL C 124 -4.43 -29.73 21.25
C VAL C 124 -5.17 -28.40 21.12
N GLU C 125 -5.89 -28.01 22.17
CA GLU C 125 -6.60 -26.73 22.16
C GLU C 125 -5.66 -25.55 22.08
N PHE C 126 -4.38 -25.75 22.37
CA PHE C 126 -3.40 -24.70 22.08
C PHE C 126 -2.98 -24.75 20.61
N LEU C 127 -2.71 -25.95 20.10
CA LEU C 127 -2.40 -26.12 18.68
C LEU C 127 -3.49 -25.52 17.81
N TRP C 128 -4.74 -25.92 18.05
CA TRP C 128 -5.85 -25.41 17.24
C TRP C 128 -5.99 -23.90 17.38
N LYS C 129 -5.57 -23.33 18.51
CA LYS C 129 -5.59 -21.87 18.64
C LYS C 129 -4.37 -21.24 17.99
N SER C 130 -3.25 -21.94 17.96
CA SER C 130 -2.03 -21.44 17.33
C SER C 130 -2.07 -21.48 15.81
N GLU C 131 -3.09 -22.14 15.22
CA GLU C 131 -3.26 -22.30 13.77
C GLU C 131 -2.28 -23.29 13.15
N ARG C 132 -1.59 -24.07 13.95
CA ARG C 132 -0.65 -25.09 13.45
C ARG C 132 -1.36 -26.44 13.31
N TYR C 133 -2.38 -26.48 12.45
CA TYR C 133 -3.36 -27.55 12.48
C TYR C 133 -2.74 -28.91 12.19
N GLU C 134 -1.74 -28.96 11.32
CA GLU C 134 -1.19 -30.22 10.80
C GLU C 134 -0.84 -31.23 11.89
N LEU C 135 -0.59 -30.79 13.12
CA LEU C 135 -0.03 -31.69 14.13
C LEU C 135 -1.07 -32.30 15.05
N ILE C 136 -2.29 -31.74 15.10
CA ILE C 136 -3.39 -32.30 15.87
C ILE C 136 -3.48 -33.80 15.67
N ALA C 137 -3.13 -34.27 14.47
CA ALA C 137 -3.24 -35.68 14.15
C ALA C 137 -2.15 -36.51 14.80
N ASP C 138 -0.89 -36.14 14.57
CA ASP C 138 0.19 -36.90 15.18
C ASP C 138 0.18 -36.76 16.70
N VAL C 139 -0.52 -35.76 17.23
CA VAL C 139 -0.70 -35.64 18.68
C VAL C 139 -1.83 -36.55 19.16
N ASN C 140 -3.01 -36.42 18.55
CA ASN C 140 -4.17 -37.20 18.96
C ASN C 140 -4.00 -38.68 18.62
N LYS C 141 -2.79 -39.07 18.25
CA LYS C 141 -2.53 -40.38 17.66
C LYS C 141 -2.39 -41.45 18.74
N PRO C 142 -1.67 -41.22 19.84
CA PRO C 142 -1.70 -42.18 20.95
C PRO C 142 -2.65 -41.84 22.09
N ILE C 143 -3.34 -40.70 22.07
CA ILE C 143 -4.41 -40.52 23.03
C ILE C 143 -5.53 -41.51 22.75
N ILE C 144 -5.58 -42.04 21.53
CA ILE C 144 -6.58 -43.04 21.18
C ILE C 144 -6.16 -44.43 21.63
N ALA C 145 -4.86 -44.71 21.69
CA ALA C 145 -4.38 -46.01 22.17
C ALA C 145 -4.93 -46.34 23.55
N VAL C 146 -4.98 -45.34 24.44
CA VAL C 146 -5.51 -45.56 25.77
C VAL C 146 -7.04 -45.43 25.84
N PHE C 147 -7.65 -44.77 24.85
CA PHE C 147 -9.11 -44.76 24.74
C PHE C 147 -9.66 -45.94 23.97
N GLU C 148 -8.84 -46.59 23.15
CA GLU C 148 -9.26 -47.84 22.52
C GLU C 148 -9.11 -49.01 23.49
N LYS C 149 -7.99 -49.05 24.22
CA LYS C 149 -7.84 -50.07 25.26
C LYS C 149 -8.95 -49.94 26.30
N GLN C 150 -9.20 -48.72 26.78
CA GLN C 150 -10.31 -48.49 27.68
C GLN C 150 -11.66 -48.56 26.97
N ARG C 151 -11.66 -48.47 25.64
CA ARG C 151 -12.84 -48.63 24.79
C ARG C 151 -13.98 -47.70 25.21
N ASP C 152 -13.69 -46.39 25.16
CA ASP C 152 -14.69 -45.38 25.45
C ASP C 152 -15.59 -45.08 24.27
N PHE C 153 -15.15 -45.38 23.05
CA PHE C 153 -15.98 -45.37 21.85
C PHE C 153 -16.62 -44.00 21.60
N LYS C 154 -17.65 -43.66 22.38
CA LYS C 154 -18.28 -42.35 22.27
C LYS C 154 -17.26 -41.22 22.37
N LYS C 155 -16.12 -41.47 23.01
CA LYS C 155 -14.99 -40.55 22.93
C LYS C 155 -14.06 -40.90 21.77
N LEU C 156 -13.93 -42.19 21.44
CA LEU C 156 -13.17 -42.57 20.26
C LEU C 156 -13.74 -41.92 19.01
N SER C 157 -15.07 -41.85 18.93
CA SER C 157 -15.75 -41.19 17.81
C SER C 157 -15.43 -39.71 17.79
N ASP C 158 -16.07 -38.93 18.67
CA ASP C 158 -15.93 -37.48 18.59
C ASP C 158 -14.49 -37.01 18.74
N LEU C 159 -13.56 -37.90 19.13
CA LEU C 159 -12.15 -37.59 18.97
C LEU C 159 -11.74 -37.77 17.50
N TYR C 160 -11.94 -38.97 16.96
CA TYR C 160 -11.68 -39.21 15.54
C TYR C 160 -12.40 -38.21 14.64
N TYR C 161 -13.40 -37.49 15.16
CA TYR C 161 -14.02 -36.41 14.42
C TYR C 161 -13.24 -35.11 14.56
N ASP C 162 -12.75 -34.81 15.77
CA ASP C 162 -11.89 -33.65 15.95
C ASP C 162 -10.64 -33.73 15.08
N ILE C 163 -10.13 -34.94 14.84
CA ILE C 163 -9.02 -35.07 13.92
C ILE C 163 -9.49 -35.01 12.47
N HIS C 164 -10.75 -35.31 12.20
CA HIS C 164 -11.29 -35.03 10.86
C HIS C 164 -11.48 -33.53 10.67
N ARG C 165 -11.92 -32.83 11.72
CA ARG C 165 -12.06 -31.38 11.65
C ARG C 165 -10.73 -30.70 11.37
N SER C 166 -9.63 -31.34 11.76
CA SER C 166 -8.31 -30.73 11.57
C SER C 166 -7.90 -30.75 10.10
N TYR C 167 -7.84 -31.92 9.48
CA TYR C 167 -7.41 -32.01 8.10
C TYR C 167 -8.34 -31.30 7.12
N LEU C 168 -9.61 -31.14 7.47
CA LEU C 168 -10.51 -30.32 6.68
C LEU C 168 -10.32 -28.84 6.95
N LYS C 169 -9.71 -28.48 8.08
CA LYS C 169 -9.43 -27.08 8.39
C LYS C 169 -8.08 -26.61 7.83
N VAL C 170 -7.16 -27.54 7.54
CA VAL C 170 -5.89 -27.16 6.94
C VAL C 170 -6.02 -27.07 5.42
N ALA C 171 -6.88 -27.89 4.81
CA ALA C 171 -7.06 -27.84 3.37
C ALA C 171 -7.69 -26.53 2.90
N GLU C 172 -8.36 -25.81 3.79
CA GLU C 172 -8.96 -24.52 3.47
C GLU C 172 -7.99 -23.37 3.64
N VAL C 173 -7.00 -23.50 4.53
CA VAL C 173 -6.09 -22.41 4.82
C VAL C 173 -4.70 -22.64 4.21
N VAL C 174 -4.37 -23.87 3.83
CA VAL C 174 -3.14 -24.08 3.08
C VAL C 174 -3.25 -23.35 1.74
N ASN C 175 -2.12 -22.83 1.26
CA ASN C 175 -2.07 -22.03 0.05
C ASN C 175 -2.94 -20.78 0.16
N SER C 176 -3.08 -20.27 1.38
CA SER C 176 -3.56 -18.93 1.65
C SER C 176 -2.51 -18.21 2.46
N GLU C 177 -2.36 -16.90 2.23
CA GLU C 177 -1.42 -16.16 3.05
C GLU C 177 -1.89 -16.01 4.49
N LYS C 178 -2.91 -16.79 4.85
CA LYS C 178 -3.56 -16.70 6.14
C LYS C 178 -2.75 -17.29 7.28
N ARG C 179 -1.59 -17.89 7.00
CA ARG C 179 -0.78 -18.53 8.03
C ARG C 179 0.46 -17.67 8.27
N LEU C 180 0.51 -17.06 9.46
CA LEU C 180 1.60 -16.18 9.89
C LEU C 180 2.20 -16.80 11.15
N PHE C 181 3.13 -17.73 10.96
CA PHE C 181 3.75 -18.39 12.10
C PHE C 181 4.66 -17.43 12.84
N GLY C 182 5.58 -16.79 12.12
CA GLY C 182 6.44 -15.82 12.76
C GLY C 182 7.68 -15.51 11.95
N ARG C 183 8.56 -14.73 12.57
CA ARG C 183 9.73 -14.17 11.92
C ARG C 183 10.97 -14.51 12.73
N TYR C 184 12.09 -14.74 12.05
CA TYR C 184 13.31 -15.22 12.67
C TYR C 184 14.40 -14.15 12.60
N TYR C 185 15.12 -13.96 13.70
CA TYR C 185 16.14 -12.92 13.80
C TYR C 185 17.32 -13.43 14.61
N ARG C 186 18.51 -13.42 14.00
CA ARG C 186 19.73 -13.69 14.75
C ARG C 186 20.10 -12.45 15.56
N VAL C 187 20.40 -12.64 16.84
CA VAL C 187 20.80 -11.55 17.71
C VAL C 187 22.17 -11.89 18.30
N ALA C 188 22.76 -10.91 18.99
CA ALA C 188 24.08 -11.07 19.56
C ALA C 188 24.43 -9.90 20.46
N PHE C 189 24.38 -10.09 21.77
CA PHE C 189 24.85 -9.08 22.71
C PHE C 189 26.23 -9.48 23.25
N TYR C 190 27.13 -8.50 23.30
CA TYR C 190 28.52 -8.71 23.72
C TYR C 190 28.81 -7.82 24.92
N GLY C 191 28.16 -8.10 26.04
CA GLY C 191 28.47 -7.38 27.26
C GLY C 191 29.55 -8.07 28.08
N GLN C 192 30.69 -8.37 27.44
CA GLN C 192 31.83 -8.98 28.13
C GLN C 192 32.11 -8.30 29.45
N GLY C 193 32.23 -6.97 29.42
CA GLY C 193 32.35 -6.15 30.60
C GLY C 193 31.02 -5.71 31.18
N PHE C 194 29.91 -6.24 30.69
CA PHE C 194 28.63 -5.85 31.25
C PHE C 194 27.85 -7.06 31.75
N PHE C 195 26.62 -7.26 31.28
CA PHE C 195 25.76 -8.31 31.80
C PHE C 195 25.45 -9.35 30.73
N GLU C 196 26.49 -9.81 30.03
CA GLU C 196 26.32 -10.73 28.93
C GLU C 196 26.10 -12.15 29.43
N GLU C 197 25.12 -12.84 28.86
CA GLU C 197 24.92 -14.25 29.15
C GLU C 197 26.17 -15.02 28.74
N GLU C 198 26.93 -15.49 29.73
CA GLU C 198 28.21 -16.15 29.52
C GLU C 198 29.21 -15.16 28.94
N GLU C 199 29.30 -15.12 27.62
CA GLU C 199 30.08 -14.10 26.93
C GLU C 199 29.19 -13.42 25.90
N GLY C 200 29.67 -13.29 24.66
CA GLY C 200 28.86 -12.68 23.63
C GLY C 200 27.85 -13.65 23.04
N LYS C 201 26.75 -13.87 23.75
CA LYS C 201 25.77 -14.86 23.33
C LYS C 201 25.15 -14.47 21.99
N GLU C 202 24.91 -15.46 21.15
CA GLU C 202 24.37 -15.26 19.81
C GLU C 202 23.32 -16.34 19.57
N TYR C 203 22.06 -15.94 19.44
CA TYR C 203 21.00 -16.95 19.35
C TYR C 203 19.70 -16.34 18.85
N ILE C 204 18.98 -17.12 18.02
CA ILE C 204 17.92 -16.61 17.16
C ILE C 204 16.60 -16.50 17.91
N TYR C 205 15.88 -15.41 17.66
CA TYR C 205 14.61 -15.12 18.31
C TYR C 205 13.47 -15.28 17.31
N LYS C 206 12.30 -15.69 17.82
CA LYS C 206 11.13 -15.97 17.00
C LYS C 206 10.05 -14.93 17.30
N GLU C 207 9.93 -13.92 16.45
CA GLU C 207 8.81 -13.03 16.78
C GLU C 207 7.56 -13.41 16.00
N PRO C 208 6.39 -13.31 16.63
CA PRO C 208 5.15 -13.73 15.98
C PRO C 208 4.70 -12.70 14.93
N LYS C 209 3.77 -13.15 14.09
CA LYS C 209 3.19 -12.34 13.02
C LYS C 209 4.25 -11.87 12.03
N LEU C 210 4.16 -10.60 11.62
CA LEU C 210 5.00 -10.05 10.58
C LEU C 210 5.91 -8.91 11.04
N THR C 211 5.77 -8.43 12.27
CA THR C 211 6.65 -7.36 12.74
C THR C 211 8.10 -7.85 12.78
N GLY C 212 9.02 -6.91 12.93
CA GLY C 212 10.41 -7.27 13.12
C GLY C 212 11.37 -6.19 12.64
N LEU C 213 12.64 -6.58 12.57
CA LEU C 213 13.77 -5.70 12.29
C LEU C 213 13.66 -4.41 13.09
N SER C 214 12.83 -3.47 12.63
CA SER C 214 12.59 -2.25 13.38
C SER C 214 11.83 -2.54 14.67
N GLU C 215 10.75 -3.33 14.57
CA GLU C 215 9.88 -3.55 15.72
C GLU C 215 10.60 -4.34 16.82
N ILE C 216 11.29 -5.41 16.44
CA ILE C 216 11.98 -6.22 17.44
C ILE C 216 13.11 -5.43 18.10
N SER C 217 13.88 -4.69 17.30
CA SER C 217 15.05 -3.99 17.84
C SER C 217 14.64 -2.90 18.83
N GLN C 218 13.85 -1.93 18.35
CA GLN C 218 13.41 -0.83 19.22
C GLN C 218 12.60 -1.33 20.41
N ARG C 219 12.08 -2.55 20.35
CA ARG C 219 11.52 -3.16 21.55
C ARG C 219 12.60 -3.79 22.41
N LEU C 220 13.64 -4.35 21.77
CA LEU C 220 14.72 -4.98 22.52
C LEU C 220 15.57 -3.96 23.27
N LEU C 221 15.68 -2.73 22.74
CA LEU C 221 16.58 -1.75 23.34
C LEU C 221 15.97 -1.14 24.60
N LYS C 222 14.79 -0.53 24.48
CA LYS C 222 14.13 0.11 25.60
C LYS C 222 13.86 -0.87 26.73
N LEU C 223 13.98 -2.17 26.44
CA LEU C 223 13.84 -3.22 27.44
C LEU C 223 15.18 -3.61 28.07
N TYR C 224 16.27 -3.59 27.30
CA TYR C 224 17.58 -3.75 27.90
C TYR C 224 18.14 -2.45 28.44
N ALA C 225 17.66 -1.30 27.96
CA ALA C 225 18.23 -0.01 28.34
C ALA C 225 17.88 0.43 29.76
N ASP C 226 16.77 -0.06 30.32
CA ASP C 226 16.41 0.33 31.68
C ASP C 226 17.10 -0.51 32.74
N LYS C 227 17.42 -1.76 32.42
CA LYS C 227 18.23 -2.58 33.31
C LYS C 227 19.72 -2.42 33.04
N PHE C 228 20.09 -2.00 31.83
CA PHE C 228 21.49 -1.72 31.53
C PHE C 228 21.81 -0.26 31.78
N GLY C 229 22.63 0.34 30.93
CA GLY C 229 22.95 1.75 31.04
C GLY C 229 22.29 2.56 29.93
N ALA C 230 21.46 3.52 30.31
CA ALA C 230 20.73 4.32 29.34
C ALA C 230 21.69 5.07 28.44
N ASP C 231 21.47 4.95 27.13
CA ASP C 231 22.34 5.54 26.11
C ASP C 231 23.77 5.04 26.24
N ASN C 232 23.91 3.74 26.50
CA ASN C 232 25.20 3.07 26.52
C ASN C 232 25.17 1.78 25.70
N VAL C 233 24.07 1.48 25.04
CA VAL C 233 23.95 0.31 24.18
C VAL C 233 24.13 0.75 22.74
N LYS C 234 24.48 -0.20 21.88
CA LYS C 234 24.85 0.09 20.50
C LYS C 234 23.89 -0.59 19.53
N ILE C 235 23.61 0.09 18.41
CA ILE C 235 22.78 -0.45 17.35
C ILE C 235 23.46 -1.67 16.72
N ILE C 236 24.63 -1.44 16.13
CA ILE C 236 25.39 -2.45 15.37
C ILE C 236 24.61 -2.86 14.13
N GLN C 237 24.60 -2.00 13.11
CA GLN C 237 23.77 -2.20 11.94
C GLN C 237 24.37 -3.18 10.93
N ASP C 238 25.69 -3.36 10.95
CA ASP C 238 26.36 -4.23 10.00
C ASP C 238 26.39 -5.66 10.52
N SER C 239 26.06 -6.61 9.65
CA SER C 239 25.90 -8.00 10.07
C SER C 239 27.22 -8.77 10.05
N ASN C 240 28.12 -8.46 9.11
CA ASN C 240 29.24 -9.33 8.84
C ASN C 240 30.24 -9.35 10.00
N LYS C 241 30.85 -10.52 10.20
CA LYS C 241 31.95 -10.74 11.14
C LYS C 241 31.53 -10.53 12.60
N VAL C 242 31.74 -9.32 13.12
CA VAL C 242 31.51 -8.95 14.53
C VAL C 242 32.49 -9.71 15.42
N ASN C 243 33.54 -9.04 15.85
CA ASN C 243 34.56 -9.65 16.69
C ASN C 243 34.98 -8.62 17.73
N PRO C 244 35.01 -9.00 19.02
CA PRO C 244 35.20 -8.01 20.08
C PRO C 244 36.62 -7.45 20.09
N LYS C 245 36.78 -6.41 20.91
CA LYS C 245 37.99 -5.59 21.00
C LYS C 245 38.20 -4.75 19.75
N ASP C 246 37.55 -5.15 18.64
CA ASP C 246 37.55 -4.36 17.42
C ASP C 246 36.55 -3.22 17.46
N LEU C 247 35.93 -2.99 18.61
CA LEU C 247 35.14 -1.80 18.87
C LEU C 247 35.28 -1.49 20.35
N ASP C 248 35.58 -0.23 20.67
CA ASP C 248 35.89 0.15 22.04
C ASP C 248 34.72 -0.19 22.97
N PRO C 249 35.02 -0.58 24.22
CA PRO C 249 33.95 -0.92 25.16
C PRO C 249 33.11 0.30 25.53
N LYS C 250 31.82 0.22 25.25
CA LYS C 250 30.81 1.06 25.88
C LYS C 250 30.03 0.30 26.94
N TYR C 251 30.29 -1.01 27.08
CA TYR C 251 29.76 -1.86 28.14
C TYR C 251 28.28 -2.20 27.92
N ALA C 252 27.98 -2.74 26.74
CA ALA C 252 26.63 -3.19 26.39
C ALA C 252 26.61 -3.84 25.00
N TYR C 253 25.95 -3.16 24.04
CA TYR C 253 25.93 -3.51 22.62
C TYR C 253 25.16 -4.78 22.31
N ILE C 254 24.28 -4.70 21.30
CA ILE C 254 23.47 -5.83 20.83
C ILE C 254 23.38 -5.77 19.31
N GLN C 255 23.27 -6.95 18.69
CA GLN C 255 23.23 -7.10 17.24
C GLN C 255 21.87 -7.64 16.82
N VAL C 256 21.47 -7.31 15.58
CA VAL C 256 20.19 -7.76 15.03
C VAL C 256 20.36 -8.02 13.54
N THR C 257 19.87 -9.17 13.08
CA THR C 257 19.98 -9.53 11.67
C THR C 257 18.85 -10.48 11.30
N TYR C 258 18.10 -10.13 10.27
CA TYR C 258 17.06 -11.02 9.75
C TYR C 258 17.68 -12.32 9.24
N VAL C 259 16.87 -13.38 9.25
CA VAL C 259 17.34 -14.67 8.77
C VAL C 259 16.14 -15.49 8.29
N THR C 260 16.40 -16.39 7.35
CA THR C 260 15.39 -17.25 6.75
C THR C 260 15.77 -18.70 6.98
N PRO C 261 14.86 -19.55 7.49
CA PRO C 261 15.21 -20.95 7.76
C PRO C 261 15.64 -21.70 6.51
N PHE C 262 16.90 -21.55 6.12
CA PHE C 262 17.34 -22.03 4.82
C PHE C 262 17.37 -23.55 4.76
N PHE C 263 16.89 -24.08 3.65
CA PHE C 263 16.86 -25.50 3.39
C PHE C 263 17.81 -25.83 2.25
N GLU C 264 18.38 -27.03 2.28
CA GLU C 264 19.21 -27.51 1.18
C GLU C 264 18.36 -27.75 -0.05
N GLU C 265 18.91 -28.48 -1.03
CA GLU C 265 18.10 -28.95 -2.14
C GLU C 265 17.30 -30.19 -1.74
N LYS C 266 17.97 -31.15 -1.11
CA LYS C 266 17.31 -32.38 -0.67
C LYS C 266 16.11 -32.09 0.24
N GLU C 267 16.15 -30.98 0.97
CA GLU C 267 15.06 -30.67 1.89
C GLU C 267 13.89 -30.00 1.19
N ILE C 268 14.16 -29.12 0.23
CA ILE C 268 13.13 -28.38 -0.48
C ILE C 268 12.11 -29.28 -1.16
N GLU C 269 12.37 -30.59 -1.21
CA GLU C 269 11.39 -31.53 -1.76
C GLU C 269 10.33 -31.89 -0.72
N ASP C 270 10.77 -32.32 0.46
CA ASP C 270 9.83 -32.63 1.54
C ASP C 270 9.27 -31.36 2.16
N ARG C 271 10.04 -30.26 2.13
CA ARG C 271 9.58 -28.97 2.62
C ARG C 271 8.77 -28.23 1.56
N LYS C 272 7.92 -28.92 0.81
CA LYS C 272 7.12 -28.23 -0.19
C LYS C 272 5.90 -27.55 0.43
N THR C 273 5.57 -27.90 1.65
CA THR C 273 4.36 -27.44 2.29
C THR C 273 4.60 -26.17 3.10
N ASP C 274 3.50 -25.53 3.49
CA ASP C 274 3.58 -24.22 4.12
C ASP C 274 4.08 -24.34 5.56
N PHE C 275 3.52 -25.26 6.34
CA PHE C 275 3.97 -25.42 7.72
C PHE C 275 5.30 -26.14 7.81
N GLU C 276 5.72 -26.85 6.77
CA GLU C 276 7.00 -27.55 6.83
C GLU C 276 8.18 -26.58 6.80
N MET C 277 8.00 -25.37 6.27
CA MET C 277 9.08 -24.40 6.35
C MET C 277 9.30 -23.87 7.76
N HIS C 278 8.40 -24.18 8.70
CA HIS C 278 8.49 -23.67 10.06
C HIS C 278 8.38 -24.79 11.09
N HIS C 279 8.88 -25.98 10.76
CA HIS C 279 8.87 -27.10 11.69
C HIS C 279 10.10 -27.95 11.46
N ASN C 280 10.73 -28.38 12.56
CA ASN C 280 11.99 -29.13 12.52
C ASN C 280 13.04 -28.41 11.70
N ILE C 281 13.30 -27.15 12.08
CA ILE C 281 14.34 -26.32 11.49
C ILE C 281 15.47 -26.19 12.51
N ASN C 282 16.62 -26.77 12.19
CA ASN C 282 17.80 -26.64 13.03
C ASN C 282 18.72 -25.50 12.58
N ARG C 283 18.36 -24.79 11.52
CA ARG C 283 19.29 -23.83 10.95
C ARG C 283 18.54 -22.75 10.18
N PHE C 284 19.02 -21.52 10.30
CA PHE C 284 18.51 -20.38 9.54
C PHE C 284 19.73 -19.75 8.87
N VAL C 285 19.66 -19.50 7.56
CA VAL C 285 20.75 -18.87 6.84
C VAL C 285 20.34 -17.46 6.44
N PHE C 286 21.24 -16.52 6.65
CA PHE C 286 21.07 -15.13 6.27
C PHE C 286 22.13 -14.77 5.24
N GLU C 287 21.74 -14.04 4.20
CA GLU C 287 22.61 -13.71 3.08
C GLU C 287 23.17 -12.30 3.27
N THR C 288 24.49 -12.20 3.42
CA THR C 288 25.19 -10.93 3.59
C THR C 288 26.04 -10.67 2.36
N PRO C 289 25.49 -10.01 1.33
CA PRO C 289 26.25 -9.88 0.07
C PRO C 289 27.05 -8.59 -0.01
N PHE C 290 28.37 -8.72 -0.14
CA PHE C 290 29.19 -7.54 -0.41
C PHE C 290 28.98 -7.03 -1.83
N THR C 291 28.52 -7.90 -2.74
CA THR C 291 28.18 -7.54 -4.12
C THR C 291 29.40 -7.07 -4.93
N LEU C 292 30.46 -6.63 -4.25
CA LEU C 292 31.60 -6.06 -4.96
C LEU C 292 32.81 -5.98 -4.05
N SER C 293 32.59 -6.02 -2.74
CA SER C 293 33.55 -5.53 -1.75
C SER C 293 33.91 -4.08 -2.07
N GLY C 294 32.87 -3.24 -2.09
CA GLY C 294 32.99 -1.85 -2.47
C GLY C 294 31.62 -1.29 -2.82
N CYS C 304 30.65 -10.34 -6.10
CA CYS C 304 30.22 -11.62 -5.58
C CYS C 304 29.47 -11.44 -4.25
N LYS C 305 28.66 -12.43 -3.88
CA LYS C 305 27.83 -12.36 -2.69
C LYS C 305 28.29 -13.38 -1.64
N ARG C 306 28.11 -13.01 -0.38
CA ARG C 306 28.43 -13.89 0.74
C ARG C 306 27.16 -14.20 1.52
N ARG C 307 27.22 -15.23 2.36
CA ARG C 307 26.03 -15.68 3.06
C ARG C 307 26.43 -16.54 4.24
N THR C 308 25.90 -16.20 5.42
CA THR C 308 26.15 -16.95 6.64
C THR C 308 24.97 -17.85 6.97
N ILE C 309 25.25 -19.13 7.17
CA ILE C 309 24.23 -20.15 7.40
C ILE C 309 24.44 -20.78 8.77
N LEU C 310 24.09 -20.06 9.82
CA LEU C 310 24.28 -20.54 11.17
C LEU C 310 23.21 -21.56 11.54
N THR C 311 23.62 -22.59 12.27
CA THR C 311 22.71 -23.62 12.75
C THR C 311 22.48 -23.44 14.24
N THR C 312 21.23 -23.60 14.67
CA THR C 312 20.94 -23.50 16.09
C THR C 312 20.96 -24.89 16.73
N SER C 313 21.00 -24.92 18.06
CA SER C 313 21.17 -26.17 18.81
C SER C 313 19.90 -27.00 18.82
N HIS C 314 18.77 -26.40 19.17
CA HIS C 314 17.52 -27.11 19.22
C HIS C 314 16.73 -26.90 17.93
N LEU C 315 15.52 -27.44 17.90
CA LEU C 315 14.67 -27.42 16.72
C LEU C 315 13.42 -26.63 17.04
N PHE C 316 13.16 -25.58 16.27
CA PHE C 316 11.89 -24.86 16.39
C PHE C 316 10.74 -25.82 16.07
N PRO C 317 9.62 -25.74 16.80
CA PRO C 317 9.46 -24.75 17.86
C PRO C 317 9.92 -25.26 19.23
N TYR C 318 9.65 -24.49 20.28
CA TYR C 318 10.29 -24.71 21.56
C TYR C 318 9.50 -23.95 22.63
N VAL C 319 9.83 -24.24 23.89
CA VAL C 319 9.15 -23.62 25.02
C VAL C 319 9.53 -22.16 25.17
N LYS C 320 10.71 -21.76 24.71
CA LYS C 320 11.16 -20.38 24.74
C LYS C 320 11.23 -19.80 23.32
N LYS C 321 10.98 -18.50 23.21
CA LYS C 321 10.94 -17.83 21.92
C LYS C 321 12.30 -17.73 21.24
N ARG C 322 13.39 -18.16 21.90
CA ARG C 322 14.71 -18.07 21.32
C ARG C 322 15.56 -19.22 21.83
N ILE C 323 16.54 -19.64 21.03
CA ILE C 323 17.40 -20.76 21.38
C ILE C 323 18.82 -20.51 20.86
N GLN C 324 19.79 -21.13 21.52
CA GLN C 324 21.20 -20.85 21.26
C GLN C 324 21.69 -21.50 19.96
N VAL C 325 22.53 -20.76 19.22
CA VAL C 325 23.19 -21.35 18.07
C VAL C 325 24.43 -22.10 18.51
N ILE C 326 24.93 -22.99 17.65
CA ILE C 326 26.13 -23.76 17.93
C ILE C 326 27.16 -23.66 16.83
N SER C 327 26.85 -23.00 15.71
CA SER C 327 27.79 -22.92 14.60
C SER C 327 27.35 -21.90 13.54
N GLN C 328 28.09 -20.81 13.42
CA GLN C 328 27.92 -19.88 12.30
C GLN C 328 28.77 -20.35 11.13
N SER C 329 28.14 -20.51 9.97
CA SER C 329 28.82 -21.03 8.79
C SER C 329 28.53 -20.09 7.62
N SER C 330 29.58 -19.49 7.08
CA SER C 330 29.40 -18.45 6.08
C SER C 330 30.30 -18.71 4.88
N THR C 331 29.80 -18.39 3.70
CA THR C 331 30.53 -18.59 2.46
C THR C 331 30.22 -17.46 1.50
N GLU C 332 31.27 -16.92 0.86
CA GLU C 332 31.09 -16.03 -0.28
C GLU C 332 30.81 -16.84 -1.53
N LEU C 333 29.86 -16.37 -2.34
CA LEU C 333 29.43 -17.06 -3.54
C LEU C 333 30.03 -16.39 -4.77
N ASN C 334 30.72 -17.19 -5.61
CA ASN C 334 31.34 -16.76 -6.85
C ASN C 334 30.37 -15.88 -7.65
N PRO C 335 30.86 -14.95 -8.47
CA PRO C 335 29.92 -14.07 -9.19
C PRO C 335 28.97 -14.83 -10.10
N ILE C 336 29.50 -15.72 -10.96
CA ILE C 336 28.66 -16.60 -11.75
C ILE C 336 27.81 -17.51 -10.86
N GLU C 337 28.20 -17.70 -9.61
CA GLU C 337 27.36 -18.42 -8.65
C GLU C 337 26.25 -17.54 -8.08
N VAL C 338 26.41 -16.22 -8.14
CA VAL C 338 25.35 -15.31 -7.70
C VAL C 338 24.21 -15.30 -8.69
N ALA C 339 24.48 -15.62 -9.95
CA ALA C 339 23.42 -15.60 -10.97
C ALA C 339 22.43 -16.74 -10.75
N ILE C 340 22.93 -17.97 -10.62
CA ILE C 340 22.08 -19.13 -10.47
C ILE C 340 21.25 -19.06 -9.20
N ASP C 341 21.64 -18.21 -8.25
CA ASP C 341 20.86 -18.07 -7.02
C ASP C 341 19.65 -17.16 -7.23
N GLU C 342 19.80 -16.09 -8.01
CA GLU C 342 18.69 -15.16 -8.22
C GLU C 342 17.78 -15.60 -9.36
N MET C 343 18.36 -16.04 -10.48
CA MET C 343 17.56 -16.47 -11.62
C MET C 343 16.79 -17.75 -11.34
N SER C 344 17.22 -18.54 -10.34
CA SER C 344 16.48 -19.75 -9.96
C SER C 344 15.40 -19.43 -8.95
N LYS C 345 15.72 -18.60 -7.95
CA LYS C 345 14.67 -18.03 -7.11
C LYS C 345 13.61 -17.35 -7.96
N LYS C 346 14.01 -16.78 -9.09
CA LYS C 346 13.06 -16.23 -10.04
C LYS C 346 12.15 -17.32 -10.60
N VAL C 347 12.74 -18.43 -11.03
CA VAL C 347 11.99 -19.46 -11.74
C VAL C 347 10.86 -20.01 -10.89
N SER C 348 11.11 -20.20 -9.59
CA SER C 348 10.10 -20.79 -8.71
C SER C 348 9.04 -19.80 -8.29
N GLU C 349 9.37 -18.50 -8.26
CA GLU C 349 8.39 -17.50 -7.86
C GLU C 349 7.21 -17.46 -8.83
N LEU C 350 7.47 -17.72 -10.12
CA LEU C 350 6.38 -17.70 -11.10
C LEU C 350 5.60 -19.01 -11.09
N ASN C 351 6.29 -20.15 -11.06
CA ASN C 351 5.62 -21.43 -10.89
C ASN C 351 4.68 -21.42 -9.70
N GLN C 352 5.06 -20.70 -8.64
CA GLN C 352 4.21 -20.59 -7.47
C GLN C 352 2.99 -19.72 -7.75
N LEU C 353 3.10 -18.74 -8.65
CA LEU C 353 1.97 -17.88 -8.95
C LEU C 353 1.03 -18.49 -9.98
N CYS C 354 1.57 -19.25 -10.94
CA CYS C 354 0.71 -19.98 -11.86
C CYS C 354 -0.19 -20.96 -11.12
N THR C 355 0.42 -21.84 -10.32
CA THR C 355 -0.24 -23.01 -9.74
C THR C 355 -1.32 -22.61 -8.73
N MET C 356 -0.89 -22.04 -7.61
CA MET C 356 -1.70 -21.55 -6.49
C MET C 356 -3.21 -21.72 -6.64
N GLU C 357 -3.78 -21.28 -7.76
CA GLU C 357 -5.23 -21.21 -7.97
C GLU C 357 -5.83 -20.15 -7.04
N GLU C 358 -6.86 -19.45 -7.50
CA GLU C 358 -7.26 -18.18 -6.91
C GLU C 358 -6.06 -17.25 -6.85
N VAL C 359 -5.41 -17.09 -7.99
CA VAL C 359 -4.18 -16.32 -8.08
C VAL C 359 -4.49 -14.84 -7.88
N ASP C 360 -3.57 -14.12 -7.20
CA ASP C 360 -3.72 -12.70 -6.87
C ASP C 360 -3.84 -11.80 -8.12
N MET C 361 -3.95 -12.37 -9.32
CA MET C 361 -4.25 -11.67 -10.56
C MET C 361 -3.23 -10.59 -10.91
N ILE C 362 -3.43 -9.36 -10.43
CA ILE C 362 -2.52 -8.26 -10.76
C ILE C 362 -1.11 -8.55 -10.28
N ARG C 363 -0.95 -9.41 -9.26
CA ARG C 363 0.37 -9.88 -8.90
C ARG C 363 0.97 -10.73 -10.01
N LEU C 364 0.15 -11.55 -10.66
CA LEU C 364 0.61 -12.33 -11.81
C LEU C 364 1.00 -11.44 -12.96
N GLN C 365 0.26 -10.35 -13.17
CA GLN C 365 0.53 -9.46 -14.31
C GLN C 365 1.88 -8.76 -14.17
N LEU C 366 2.16 -8.21 -12.98
CA LEU C 366 3.40 -7.45 -12.80
C LEU C 366 4.63 -8.34 -13.02
N LYS C 367 4.61 -9.55 -12.48
CA LYS C 367 5.79 -10.40 -12.50
C LYS C 367 6.31 -10.63 -13.91
N LEU C 368 5.42 -10.80 -14.89
CA LEU C 368 5.86 -10.92 -16.27
C LEU C 368 6.43 -9.60 -16.78
N GLN C 369 5.71 -8.50 -16.55
CA GLN C 369 6.05 -7.18 -17.04
C GLN C 369 7.53 -6.86 -16.84
N GLY C 370 8.09 -7.37 -15.74
CA GLY C 370 9.50 -7.19 -15.43
C GLY C 370 10.41 -8.07 -16.28
N SER C 371 9.99 -9.29 -16.56
CA SER C 371 10.77 -10.21 -17.38
C SER C 371 10.85 -9.66 -18.81
N VAL C 372 11.65 -8.61 -18.97
CA VAL C 372 11.86 -7.91 -20.23
C VAL C 372 10.55 -7.67 -20.98
N VAL C 376 14.70 -3.40 -20.91
CA VAL C 376 15.69 -4.44 -20.69
C VAL C 376 17.01 -3.83 -20.23
N ASN C 377 16.96 -2.55 -19.84
CA ASN C 377 18.15 -1.89 -19.32
C ASN C 377 18.66 -2.54 -18.05
N ALA C 378 17.81 -3.31 -17.35
CA ALA C 378 18.23 -4.04 -16.16
C ALA C 378 17.48 -5.36 -16.02
N GLY C 379 16.92 -5.89 -17.11
CA GLY C 379 16.12 -7.07 -17.04
C GLY C 379 16.94 -8.31 -16.74
N PRO C 380 16.25 -9.44 -16.59
CA PRO C 380 16.93 -10.71 -16.30
C PRO C 380 17.73 -11.24 -17.48
N MET C 381 18.06 -10.35 -18.43
CA MET C 381 18.94 -10.71 -19.53
C MET C 381 20.39 -10.65 -19.03
N ALA C 382 20.58 -10.91 -17.74
CA ALA C 382 21.93 -11.04 -17.19
C ALA C 382 22.73 -12.10 -17.94
N TYR C 383 22.05 -13.08 -18.51
CA TYR C 383 22.70 -14.12 -19.32
C TYR C 383 23.30 -13.57 -20.60
N ALA C 384 22.99 -12.34 -20.98
CA ALA C 384 23.79 -11.67 -22.00
C ALA C 384 25.23 -11.49 -21.54
N ARG C 385 25.43 -11.29 -20.23
CA ARG C 385 26.75 -11.31 -19.62
C ARG C 385 27.13 -12.69 -19.11
N ALA C 386 26.35 -13.72 -19.44
CA ALA C 386 26.63 -15.10 -18.99
C ALA C 386 26.29 -16.03 -20.16
N PHE C 387 27.18 -16.06 -21.15
CA PHE C 387 27.03 -16.87 -22.35
C PHE C 387 28.22 -16.66 -23.26
N LEU C 388 28.58 -15.39 -23.48
CA LEU C 388 29.66 -15.01 -24.39
C LEU C 388 31.04 -15.23 -23.77
N GLU C 389 31.34 -16.50 -23.48
CA GLU C 389 32.65 -16.94 -23.01
C GLU C 389 32.64 -18.43 -22.70
N ASP C 398 33.39 -18.13 -19.30
CA ASP C 398 33.62 -16.99 -18.43
C ASP C 398 34.20 -17.46 -17.11
N ASN C 399 33.73 -18.62 -16.68
CA ASN C 399 34.17 -19.23 -15.43
C ASN C 399 34.09 -20.74 -15.60
N GLN C 400 34.18 -21.45 -14.49
CA GLN C 400 33.94 -22.88 -14.48
C GLN C 400 32.55 -23.14 -15.04
N VAL C 401 32.46 -23.71 -16.24
CA VAL C 401 31.19 -23.87 -16.92
C VAL C 401 30.29 -24.82 -16.14
N LYS C 402 30.68 -26.09 -16.03
CA LYS C 402 29.87 -27.10 -15.34
C LYS C 402 28.48 -27.20 -15.96
N LEU C 403 28.43 -27.17 -17.29
CA LEU C 403 27.24 -26.99 -18.12
C LEU C 403 26.66 -25.58 -18.01
N LEU C 404 27.37 -24.65 -17.36
CA LEU C 404 26.95 -23.27 -17.18
C LEU C 404 25.63 -23.16 -16.42
N LYS C 405 25.04 -24.29 -16.05
CA LYS C 405 23.67 -24.35 -15.54
C LYS C 405 22.71 -23.54 -16.42
N GLU C 406 23.05 -23.39 -17.70
CA GLU C 406 22.16 -22.75 -18.66
C GLU C 406 20.89 -23.55 -18.89
N ILE C 407 20.86 -24.81 -18.46
CA ILE C 407 19.62 -25.57 -18.45
C ILE C 407 18.72 -25.13 -17.31
N PHE C 408 19.31 -24.54 -16.25
CA PHE C 408 18.51 -23.82 -15.27
C PHE C 408 18.04 -22.49 -15.83
N ARG C 409 18.79 -21.91 -16.77
CA ARG C 409 18.26 -20.82 -17.57
C ARG C 409 17.24 -21.34 -18.56
N GLN C 410 17.42 -22.57 -19.03
CA GLN C 410 16.48 -23.13 -20.01
C GLN C 410 15.15 -23.50 -19.38
N PHE C 411 15.14 -23.79 -18.08
CA PHE C 411 13.86 -24.07 -17.42
C PHE C 411 13.10 -22.79 -17.11
N ALA C 412 13.81 -21.73 -16.70
CA ALA C 412 13.17 -20.44 -16.48
C ALA C 412 12.43 -19.98 -17.73
N ASP C 413 12.89 -20.38 -18.91
CA ASP C 413 12.20 -20.00 -20.14
C ASP C 413 10.79 -20.57 -20.18
N ALA C 414 10.65 -21.86 -19.87
CA ALA C 414 9.35 -22.54 -19.94
C ALA C 414 8.36 -21.95 -18.94
N CYS C 415 8.81 -20.99 -18.14
CA CYS C 415 7.88 -20.18 -17.37
C CYS C 415 7.06 -19.26 -18.27
N GLY C 416 7.33 -19.26 -19.58
CA GLY C 416 6.37 -18.74 -20.54
C GLY C 416 5.03 -19.43 -20.41
N GLN C 417 5.01 -20.63 -19.81
CA GLN C 417 3.78 -21.29 -19.38
C GLN C 417 2.97 -20.39 -18.45
N ALA C 418 3.49 -19.22 -18.12
CA ALA C 418 2.70 -18.22 -17.40
C ALA C 418 1.74 -17.51 -18.34
N LEU C 419 2.26 -16.94 -19.43
CA LEU C 419 1.46 -16.12 -20.34
C LEU C 419 0.16 -16.80 -20.75
N ASP C 420 0.18 -18.13 -20.90
CA ASP C 420 -1.05 -18.85 -21.19
C ASP C 420 -2.02 -18.80 -20.02
N VAL C 421 -1.51 -18.97 -18.80
CA VAL C 421 -2.37 -18.90 -17.62
C VAL C 421 -2.94 -17.51 -17.43
N ASN C 422 -2.18 -16.48 -17.84
CA ASN C 422 -2.76 -15.15 -17.92
C ASN C 422 -3.78 -15.08 -19.05
N GLU C 423 -3.44 -15.66 -20.21
CA GLU C 423 -4.31 -15.60 -21.37
C GLU C 423 -5.69 -16.18 -21.10
N ARG C 424 -5.83 -16.99 -20.07
CA ARG C 424 -7.14 -17.49 -19.67
C ARG C 424 -7.83 -16.61 -18.65
N LEU C 425 -7.08 -15.77 -17.93
CA LEU C 425 -7.59 -15.15 -16.71
C LEU C 425 -8.26 -13.80 -16.94
N ILE C 426 -7.66 -12.94 -17.75
CA ILE C 426 -8.15 -11.58 -17.93
C ILE C 426 -9.51 -11.58 -18.60
N LYS C 427 -10.14 -10.42 -18.64
CA LYS C 427 -11.29 -10.21 -19.50
C LYS C 427 -10.81 -9.61 -20.83
N GLU C 428 -11.71 -9.59 -21.81
CA GLU C 428 -11.40 -9.07 -23.14
C GLU C 428 -11.18 -7.56 -23.09
N ASP C 429 -11.16 -7.00 -21.88
CA ASP C 429 -10.78 -5.61 -21.71
C ASP C 429 -9.28 -5.44 -21.97
N GLN C 430 -8.46 -6.35 -21.42
CA GLN C 430 -7.05 -6.41 -21.73
C GLN C 430 -6.75 -7.38 -22.87
N LEU C 431 -7.75 -7.67 -23.71
CA LEU C 431 -7.62 -8.64 -24.81
C LEU C 431 -6.51 -8.24 -25.77
N GLU C 432 -5.98 -7.03 -25.60
CA GLU C 432 -4.87 -6.54 -26.40
C GLU C 432 -3.58 -6.35 -25.61
N TYR C 433 -3.67 -6.08 -24.31
CA TYR C 433 -2.50 -5.96 -23.45
C TYR C 433 -1.72 -7.27 -23.42
N GLN C 434 -2.36 -8.35 -23.91
CA GLN C 434 -1.81 -9.69 -23.90
C GLN C 434 -0.93 -9.93 -25.12
N GLU C 435 -1.49 -9.74 -26.32
CA GLU C 435 -0.68 -9.79 -27.53
C GLU C 435 0.43 -8.75 -27.46
N GLU C 436 0.19 -7.66 -26.73
CA GLU C 436 1.23 -6.64 -26.55
C GLU C 436 2.44 -7.21 -25.82
N LEU C 437 2.21 -7.86 -24.67
CA LEU C 437 3.33 -8.46 -23.95
C LEU C 437 3.80 -9.75 -24.60
N ARG C 438 2.92 -10.49 -25.25
CA ARG C 438 3.32 -11.66 -26.03
C ARG C 438 4.26 -11.27 -27.17
N SER C 439 4.34 -9.98 -27.49
CA SER C 439 5.29 -9.45 -28.47
C SER C 439 6.59 -9.00 -27.82
N HIS C 440 6.50 -8.31 -26.67
CA HIS C 440 7.71 -8.02 -25.90
C HIS C 440 8.34 -9.29 -25.36
N TYR C 441 7.54 -10.34 -25.18
CA TYR C 441 8.04 -11.63 -24.76
C TYR C 441 8.80 -12.33 -25.90
N LYS C 442 8.12 -12.54 -27.03
CA LYS C 442 8.77 -13.14 -28.18
C LYS C 442 9.98 -12.32 -28.64
N ASP C 443 9.86 -10.98 -28.60
CA ASP C 443 11.00 -10.14 -28.98
C ASP C 443 12.17 -10.33 -28.02
N MET C 444 11.87 -10.51 -26.73
CA MET C 444 12.90 -10.84 -25.75
C MET C 444 13.27 -12.32 -25.76
N LEU C 445 12.51 -13.15 -26.48
CA LEU C 445 12.72 -14.59 -26.47
C LEU C 445 13.85 -14.97 -27.41
N SER C 446 13.49 -15.60 -28.54
CA SER C 446 14.46 -16.12 -29.48
C SER C 446 15.45 -15.05 -29.93
N GLU C 447 15.00 -13.79 -30.00
CA GLU C 447 15.85 -12.73 -30.54
C GLU C 447 17.00 -12.40 -29.59
N LEU C 448 16.73 -12.35 -28.29
CA LEU C 448 17.80 -12.23 -27.30
C LEU C 448 18.34 -13.57 -26.86
N SER C 449 17.65 -14.67 -27.20
CA SER C 449 18.18 -16.01 -27.02
C SER C 449 19.14 -16.41 -28.14
N THR C 450 19.76 -15.43 -28.81
CA THR C 450 20.79 -15.72 -29.78
C THR C 450 22.15 -15.89 -29.12
N VAL C 451 22.37 -15.21 -27.99
CA VAL C 451 23.64 -15.36 -27.27
C VAL C 451 23.69 -16.68 -26.52
N MET C 452 22.59 -17.44 -26.49
CA MET C 452 22.62 -18.78 -25.92
C MET C 452 22.32 -19.83 -26.99
N ASN C 453 23.15 -19.88 -28.04
CA ASN C 453 23.07 -20.89 -29.10
C ASN C 453 21.67 -20.83 -29.72
N GLU C 454 20.95 -21.95 -29.82
CA GLU C 454 19.66 -22.00 -30.48
C GLU C 454 18.57 -21.31 -29.68
N GLN C 455 17.31 -21.59 -30.00
CA GLN C 455 16.19 -20.93 -29.36
C GLN C 455 15.14 -21.97 -28.98
N ILE C 456 14.27 -21.57 -28.05
CA ILE C 456 13.29 -22.48 -27.49
C ILE C 456 11.88 -22.04 -27.86
#